data_7BMF
#
_entry.id   7BMF
#
_cell.length_a   53.750
_cell.length_b   53.880
_cell.length_c   86.720
_cell.angle_alpha   79.860
_cell.angle_beta   82.770
_cell.angle_gamma   63.980
#
_symmetry.space_group_name_H-M   'P 1'
#
loop_
_entity.id
_entity.type
_entity.pdbx_description
1 polymer 'Conserved protein'
2 non-polymer 'MANGANESE (II) ION'
3 non-polymer "CYTIDINE-5'-TRIPHOSPHATE"
4 non-polymer 'NITRATE ION'
5 non-polymer DI(HYDROXYETHYL)ETHER
6 water water
#
_entity_poly.entity_id   1
_entity_poly.type   'polypeptide(L)'
_entity_poly.pdbx_seq_one_letter_code
;MTHRKQPSSSSKLPDSILKRGAEASKVLEEHLERGNIIRIISHNDADGLSAAGVVARAISSMNGQFHISILSRLKKEFIK
KLSGEKYSLFFFCDMGSAYLEEISRLKGDVIVADHHQPSESEAGPHVVHINPHLHGLDGSRDLSASGTAYLATRLLNRKT
APLALVGALGDMQYTDGFTGANRFIMEEAVEEGVLQVHSDLKLASRYTEPLYRSIAYTFNPALPGLTGDMEASMGFLENI
GVSYGVKYPDLSPEERDVLRDELTRINPEIFGEVFTSREFRNIGDLSDIAGVLDACGKNRKYGIGIGLCLGEREGALDVA
LELQKNYREELVKGLAWIRREGSTTLENLQYIYSEDKAFKGIMGTIASISLSLKILDPDIPLLGLSRMDQHVKVSARTTR
PAVERGVNLGVALRDAAASFGGTGGGHDIAAGAMVPYRDMESFLQLVDEILGTQTGPAENLYFQ
;
_entity_poly.pdbx_strand_id   A,B
#
loop_
_chem_comp.id
_chem_comp.type
_chem_comp.name
_chem_comp.formula
CTP non-polymer CYTIDINE-5'-TRIPHOSPHATE 'C9 H16 N3 O14 P3'
MN non-polymer 'MANGANESE (II) ION' 'Mn 2'
NO3 non-polymer 'NITRATE ION' 'N O3 -1'
PEG non-polymer DI(HYDROXYETHYL)ETHER 'C4 H10 O3'
#
# COMPACT_ATOMS: atom_id res chain seq x y z
N LEU A 13 -29.06 -2.89 26.56
CA LEU A 13 -28.69 -4.22 25.99
C LEU A 13 -29.94 -5.07 25.76
N PRO A 14 -30.08 -5.68 24.56
CA PRO A 14 -31.28 -6.52 24.38
C PRO A 14 -31.37 -7.68 25.39
N ASP A 15 -32.54 -7.81 25.93
CA ASP A 15 -32.90 -8.91 26.80
C ASP A 15 -32.60 -10.31 26.24
N SER A 16 -32.87 -10.48 24.93
CA SER A 16 -32.68 -11.73 24.23
C SER A 16 -31.21 -12.22 24.33
N ILE A 17 -30.24 -11.33 24.31
CA ILE A 17 -28.85 -11.80 24.31
C ILE A 17 -28.38 -12.23 25.71
N LEU A 18 -28.91 -11.59 26.75
CA LEU A 18 -28.64 -12.04 28.14
C LEU A 18 -29.31 -13.32 28.38
N LYS A 19 -30.54 -13.44 27.87
CA LYS A 19 -31.24 -14.70 27.90
C LYS A 19 -30.48 -15.83 27.21
N ARG A 20 -29.95 -15.58 26.01
CA ARG A 20 -29.17 -16.64 25.33
C ARG A 20 -27.91 -17.03 26.12
N GLY A 21 -27.25 -16.04 26.72
CA GLY A 21 -26.10 -16.29 27.61
C GLY A 21 -26.48 -17.14 28.80
N ALA A 22 -27.61 -16.82 29.41
CA ALA A 22 -28.15 -17.69 30.48
C ALA A 22 -28.34 -19.13 30.05
N GLU A 23 -28.78 -19.31 28.81
CA GLU A 23 -29.01 -20.64 28.27
C GLU A 23 -27.70 -21.38 28.12
N ALA A 24 -26.66 -20.68 27.61
CA ALA A 24 -25.30 -21.25 27.61
C ALA A 24 -24.80 -21.50 29.03
N SER A 25 -25.08 -20.58 29.97
CA SER A 25 -24.70 -20.81 31.38
C SER A 25 -25.29 -22.12 31.91
N LYS A 26 -26.58 -22.30 31.65
CA LYS A 26 -27.26 -23.47 32.12
C LYS A 26 -26.67 -24.69 31.50
N VAL A 27 -26.33 -24.67 30.22
CA VAL A 27 -25.83 -25.89 29.58
C VAL A 27 -24.47 -26.19 30.13
N LEU A 28 -23.64 -25.17 30.27
CA LEU A 28 -22.36 -25.30 30.97
C LEU A 28 -22.44 -25.86 32.43
N GLU A 29 -23.28 -25.26 33.29
CA GLU A 29 -23.57 -25.80 34.69
C GLU A 29 -23.94 -27.30 34.72
N GLU A 30 -24.72 -27.74 33.74
CA GLU A 30 -25.13 -29.14 33.63
C GLU A 30 -23.99 -30.08 33.35
N HIS A 31 -23.19 -29.82 32.32
CA HIS A 31 -22.05 -30.71 32.04
C HIS A 31 -20.97 -30.73 33.14
N LEU A 32 -20.88 -29.66 33.94
CA LEU A 32 -19.96 -29.65 35.11
C LEU A 32 -20.48 -30.60 36.18
N GLU A 33 -21.75 -30.41 36.54
CA GLU A 33 -22.49 -31.36 37.41
C GLU A 33 -22.14 -32.82 37.12
N ARG A 34 -22.22 -33.26 35.87
CA ARG A 34 -21.89 -34.66 35.51
C ARG A 34 -20.38 -34.93 35.48
N GLY A 35 -19.58 -34.01 36.06
CA GLY A 35 -18.13 -34.21 36.21
C GLY A 35 -17.23 -34.03 35.00
N ASN A 36 -17.79 -34.13 33.81
CA ASN A 36 -16.95 -34.28 32.61
C ASN A 36 -16.29 -32.99 32.10
N ILE A 37 -15.23 -33.24 31.34
CA ILE A 37 -14.24 -32.26 30.91
C ILE A 37 -14.75 -31.37 29.76
N ILE A 38 -14.72 -30.07 29.95
CA ILE A 38 -15.15 -29.17 28.89
C ILE A 38 -14.08 -28.92 27.82
N ARG A 39 -14.49 -29.05 26.57
CA ARG A 39 -13.62 -28.80 25.45
C ARG A 39 -13.73 -27.34 24.96
N ILE A 40 -12.66 -26.57 25.12
CA ILE A 40 -12.65 -25.14 24.77
C ILE A 40 -11.79 -24.94 23.49
N ILE A 41 -12.41 -24.36 22.45
CA ILE A 41 -11.76 -24.08 21.18
C ILE A 41 -11.85 -22.58 20.89
N SER A 42 -10.68 -21.96 20.70
CA SER A 42 -10.58 -20.55 20.49
C SER A 42 -9.45 -20.14 19.53
N HIS A 43 -9.45 -18.85 19.24
CA HIS A 43 -8.50 -18.20 18.34
C HIS A 43 -7.20 -17.84 19.14
N ASN A 44 -6.19 -17.27 18.48
CA ASN A 44 -4.84 -17.08 19.09
C ASN A 44 -4.39 -15.65 19.18
N ASP A 45 -5.35 -14.73 19.08
CA ASP A 45 -5.06 -13.34 19.32
C ASP A 45 -5.61 -12.95 20.69
N ALA A 46 -5.53 -11.67 21.04
CA ALA A 46 -5.95 -11.26 22.36
C ALA A 46 -7.43 -11.63 22.68
N ASP A 47 -8.30 -11.49 21.68
CA ASP A 47 -9.73 -11.75 21.86
C ASP A 47 -9.95 -13.26 22.15
N GLY A 48 -9.24 -14.10 21.41
CA GLY A 48 -9.39 -15.54 21.50
C GLY A 48 -8.87 -16.07 22.77
N LEU A 49 -7.72 -15.58 23.18
CA LEU A 49 -7.09 -16.06 24.41
C LEU A 49 -7.83 -15.56 25.62
N SER A 50 -8.16 -14.27 25.66
CA SER A 50 -8.94 -13.71 26.75
C SER A 50 -10.32 -14.40 26.79
N ALA A 51 -10.91 -14.67 25.60
CA ALA A 51 -12.23 -15.38 25.56
C ALA A 51 -12.00 -16.74 26.18
N ALA A 52 -10.91 -17.42 25.82
CA ALA A 52 -10.70 -18.74 26.40
C ALA A 52 -10.45 -18.61 27.91
N GLY A 53 -9.73 -17.59 28.36
CA GLY A 53 -9.56 -17.32 29.78
C GLY A 53 -10.88 -17.03 30.52
N VAL A 54 -11.81 -16.34 29.90
CA VAL A 54 -13.10 -16.06 30.56
C VAL A 54 -13.71 -17.37 30.94
N VAL A 55 -13.66 -18.33 30.01
CA VAL A 55 -14.34 -19.61 30.22
C VAL A 55 -13.57 -20.53 31.18
N ALA A 56 -12.29 -20.76 30.92
CA ALA A 56 -11.48 -21.51 31.84
C ALA A 56 -11.64 -20.97 33.30
N ARG A 57 -11.72 -19.66 33.44
CA ARG A 57 -11.79 -19.06 34.75
C ARG A 57 -13.12 -19.39 35.44
N ALA A 58 -14.20 -19.25 34.69
CA ALA A 58 -15.50 -19.63 35.17
C ALA A 58 -15.49 -21.12 35.57
N ILE A 59 -14.97 -21.97 34.70
CA ILE A 59 -14.96 -23.39 34.98
C ILE A 59 -14.06 -23.73 36.17
N SER A 60 -12.91 -23.05 36.31
CA SER A 60 -12.09 -23.24 37.52
C SER A 60 -12.80 -22.81 38.81
N SER A 61 -13.56 -21.72 38.74
CA SER A 61 -14.22 -21.17 39.92
C SER A 61 -15.34 -22.08 40.38
N MET A 62 -15.53 -23.21 39.70
CA MET A 62 -16.42 -24.29 40.15
C MET A 62 -15.74 -25.67 40.09
N ASN A 63 -14.43 -25.67 40.33
CA ASN A 63 -13.55 -26.86 40.25
C ASN A 63 -13.86 -27.89 39.18
N GLY A 64 -14.01 -27.38 37.97
CA GLY A 64 -14.25 -28.20 36.81
C GLY A 64 -12.99 -28.30 36.00
N GLN A 65 -13.06 -29.13 34.98
CA GLN A 65 -11.93 -29.43 34.16
C GLN A 65 -12.26 -29.13 32.69
N PHE A 66 -11.21 -28.68 31.98
CA PHE A 66 -11.28 -28.25 30.57
C PHE A 66 -10.03 -28.62 29.76
N HIS A 67 -10.20 -28.94 28.47
CA HIS A 67 -9.06 -29.05 27.51
C HIS A 67 -9.17 -27.89 26.50
N ILE A 68 -8.13 -27.08 26.40
CA ILE A 68 -8.07 -26.01 25.39
C ILE A 68 -7.38 -26.42 24.08
N SER A 69 -8.00 -26.18 22.94
CA SER A 69 -7.28 -26.16 21.65
C SER A 69 -7.31 -24.70 21.16
N ILE A 70 -6.13 -24.12 20.95
CA ILE A 70 -6.04 -22.82 20.35
C ILE A 70 -5.73 -23.00 18.90
N LEU A 71 -6.41 -22.22 18.06
CA LEU A 71 -6.20 -22.30 16.61
C LEU A 71 -5.96 -20.94 15.99
N SER A 72 -5.11 -20.90 14.93
CA SER A 72 -4.96 -19.71 14.06
C SER A 72 -6.20 -19.47 13.26
N ARG A 73 -6.90 -20.56 12.92
CA ARG A 73 -7.94 -20.56 11.94
C ARG A 73 -8.71 -21.87 12.13
N LEU A 74 -10.05 -21.84 12.06
CA LEU A 74 -10.86 -23.07 12.14
C LEU A 74 -11.19 -23.64 10.74
N LYS A 75 -10.93 -24.93 10.52
CA LYS A 75 -11.19 -25.56 9.21
C LYS A 75 -12.20 -26.70 9.35
N LYS A 76 -12.80 -27.05 8.20
CA LYS A 76 -13.78 -28.14 8.14
C LYS A 76 -13.18 -29.44 8.73
N GLU A 77 -11.87 -29.62 8.55
CA GLU A 77 -11.15 -30.86 8.93
C GLU A 77 -10.84 -31.00 10.43
N PHE A 78 -10.64 -29.87 11.11
CA PHE A 78 -10.54 -29.86 12.56
C PHE A 78 -11.87 -30.23 13.20
N ILE A 79 -12.95 -29.79 12.57
CA ILE A 79 -14.30 -29.97 13.09
C ILE A 79 -14.67 -31.43 12.95
N LYS A 80 -14.37 -32.04 11.82
CA LYS A 80 -14.47 -33.50 11.67
C LYS A 80 -13.61 -34.28 12.68
N LYS A 81 -12.35 -33.91 12.88
CA LYS A 81 -11.54 -34.54 13.92
C LYS A 81 -12.11 -34.26 15.34
N LEU A 82 -12.76 -33.13 15.53
CA LEU A 82 -13.59 -32.92 16.72
C LEU A 82 -14.77 -33.92 16.79
N SER A 83 -15.29 -34.31 15.62
CA SER A 83 -16.41 -35.28 15.45
C SER A 83 -16.20 -36.68 16.05
N GLY A 84 -14.99 -37.23 15.99
CA GLY A 84 -14.61 -38.38 16.84
C GLY A 84 -14.64 -37.80 18.23
N GLU A 85 -13.65 -38.05 19.08
CA GLU A 85 -13.64 -37.42 20.44
C GLU A 85 -14.96 -37.60 21.21
N LYS A 86 -14.86 -37.87 22.53
CA LYS A 86 -16.04 -38.30 23.33
C LYS A 86 -16.54 -37.26 24.27
N TYR A 87 -16.00 -36.06 24.19
CA TYR A 87 -16.42 -35.04 25.13
C TYR A 87 -17.87 -34.60 24.78
N SER A 88 -18.60 -34.21 25.83
CA SER A 88 -20.02 -33.91 25.68
C SER A 88 -20.32 -32.40 25.63
N LEU A 89 -19.37 -31.54 25.98
CA LEU A 89 -19.51 -30.11 25.67
C LEU A 89 -18.30 -29.52 24.96
N PHE A 90 -18.58 -28.91 23.82
CA PHE A 90 -17.59 -28.14 23.06
C PHE A 90 -17.95 -26.65 23.16
N PHE A 91 -17.01 -25.83 23.61
CA PHE A 91 -17.21 -24.38 23.80
C PHE A 91 -16.23 -23.63 22.81
N PHE A 92 -16.78 -23.13 21.69
CA PHE A 92 -16.06 -22.36 20.71
C PHE A 92 -16.09 -20.91 21.06
N CYS A 93 -14.93 -20.27 21.07
CA CYS A 93 -14.81 -18.80 21.12
C CYS A 93 -14.14 -18.20 19.90
N ASP A 94 -14.71 -17.09 19.41
CA ASP A 94 -14.12 -16.24 18.38
C ASP A 94 -14.09 -16.95 17.04
N MET A 95 -14.83 -18.04 16.95
CA MET A 95 -14.88 -18.83 15.73
C MET A 95 -16.07 -19.79 15.78
N GLY A 96 -16.54 -20.15 14.60
CA GLY A 96 -17.47 -21.25 14.48
C GLY A 96 -18.81 -20.82 13.93
N SER A 97 -19.17 -19.55 14.10
CA SER A 97 -20.41 -19.02 13.51
C SER A 97 -20.47 -19.24 12.02
N ALA A 98 -19.32 -19.03 11.36
CA ALA A 98 -19.14 -19.28 9.93
C ALA A 98 -19.18 -20.77 9.49
N TYR A 99 -19.14 -21.72 10.41
CA TYR A 99 -19.21 -23.18 10.12
C TYR A 99 -20.37 -23.83 10.90
N LEU A 100 -21.48 -23.09 11.00
CA LEU A 100 -22.59 -23.51 11.85
C LEU A 100 -23.03 -24.94 11.46
N GLU A 101 -23.25 -25.13 10.16
CA GLU A 101 -23.62 -26.48 9.67
C GLU A 101 -22.68 -27.61 10.13
N GLU A 102 -21.37 -27.43 9.94
CA GLU A 102 -20.39 -28.47 10.25
C GLU A 102 -20.39 -28.68 11.75
N ILE A 103 -20.48 -27.56 12.47
CA ILE A 103 -20.56 -27.63 13.90
C ILE A 103 -21.84 -28.32 14.36
N SER A 104 -22.94 -28.05 13.69
CA SER A 104 -24.20 -28.71 13.99
C SER A 104 -24.13 -30.27 13.93
N ARG A 105 -23.26 -30.83 13.08
CA ARG A 105 -23.08 -32.30 12.99
C ARG A 105 -22.57 -33.01 14.25
N LEU A 106 -21.94 -32.27 15.15
CA LEU A 106 -21.32 -32.85 16.33
C LEU A 106 -22.41 -33.46 17.21
N LYS A 107 -22.14 -34.65 17.75
CA LYS A 107 -23.10 -35.40 18.61
C LYS A 107 -22.63 -35.27 20.08
N GLY A 108 -23.17 -34.25 20.74
CA GLY A 108 -22.65 -33.69 22.00
C GLY A 108 -23.08 -32.22 22.00
N ASP A 109 -23.22 -31.58 23.17
CA ASP A 109 -23.64 -30.18 23.22
C ASP A 109 -22.53 -29.19 22.77
N VAL A 110 -22.96 -28.09 22.14
CA VAL A 110 -22.08 -27.08 21.64
C VAL A 110 -22.54 -25.68 22.08
N ILE A 111 -21.57 -24.88 22.52
CA ILE A 111 -21.76 -23.45 22.68
C ILE A 111 -20.79 -22.73 21.72
N VAL A 112 -21.33 -21.75 21.00
CA VAL A 112 -20.54 -20.91 20.09
C VAL A 112 -20.70 -19.50 20.55
N ALA A 113 -19.59 -18.93 20.97
CA ALA A 113 -19.52 -17.57 21.44
C ALA A 113 -18.63 -16.83 20.47
N ASP A 114 -19.26 -16.08 19.56
CA ASP A 114 -18.56 -15.56 18.37
C ASP A 114 -19.14 -14.23 18.02
N HIS A 115 -18.40 -13.49 17.21
CA HIS A 115 -18.84 -12.21 16.71
C HIS A 115 -18.56 -11.97 15.23
N HIS A 116 -18.40 -13.07 14.49
CA HIS A 116 -18.40 -13.08 13.02
C HIS A 116 -19.79 -13.38 12.40
N GLN A 117 -19.97 -12.96 11.16
CA GLN A 117 -21.18 -13.27 10.41
C GLN A 117 -21.49 -14.76 10.38
N PRO A 118 -22.69 -15.16 10.88
CA PRO A 118 -23.01 -16.58 10.74
C PRO A 118 -23.25 -16.98 9.28
N SER A 119 -22.87 -18.21 8.95
CA SER A 119 -23.34 -18.90 7.76
C SER A 119 -24.90 -19.06 7.82
N GLU A 120 -25.54 -19.23 6.67
CA GLU A 120 -26.99 -19.48 6.67
C GLU A 120 -27.15 -21.00 6.69
N SER A 121 -27.69 -21.47 7.81
CA SER A 121 -27.77 -22.86 8.11
C SER A 121 -28.62 -23.00 9.34
N GLU A 122 -29.35 -24.13 9.44
CA GLU A 122 -30.15 -24.46 10.65
C GLU A 122 -29.22 -24.88 11.79
N ALA A 123 -29.14 -24.03 12.83
CA ALA A 123 -28.35 -24.34 14.04
C ALA A 123 -28.92 -25.60 14.72
N GLY A 124 -28.05 -26.52 15.12
CA GLY A 124 -28.50 -27.79 15.69
C GLY A 124 -29.38 -27.66 16.92
N PRO A 125 -30.08 -28.76 17.30
CA PRO A 125 -30.91 -28.74 18.52
C PRO A 125 -30.06 -28.68 19.80
N HIS A 126 -28.82 -29.19 19.72
CA HIS A 126 -27.85 -29.19 20.82
C HIS A 126 -26.85 -28.00 20.79
N VAL A 127 -27.18 -26.94 20.04
CA VAL A 127 -26.27 -25.78 19.85
C VAL A 127 -26.88 -24.52 20.42
N VAL A 128 -26.16 -23.88 21.34
CA VAL A 128 -26.52 -22.58 21.80
C VAL A 128 -25.52 -21.58 21.20
N HIS A 129 -26.04 -20.65 20.37
CA HIS A 129 -25.25 -19.75 19.57
C HIS A 129 -25.40 -18.33 20.10
N ILE A 130 -24.33 -17.78 20.64
CA ILE A 130 -24.34 -16.45 21.20
C ILE A 130 -23.42 -15.60 20.34
N ASN A 131 -24.01 -14.59 19.70
CA ASN A 131 -23.33 -13.75 18.72
C ASN A 131 -24.04 -12.41 18.57
N PRO A 132 -23.34 -11.27 18.74
CA PRO A 132 -24.02 -10.01 18.58
C PRO A 132 -24.81 -9.82 17.25
N HIS A 133 -24.33 -10.40 16.14
CA HIS A 133 -24.98 -10.31 14.80
C HIS A 133 -26.43 -10.85 14.75
N LEU A 134 -26.68 -11.88 15.58
CA LEU A 134 -27.98 -12.49 15.83
C LEU A 134 -28.96 -11.67 16.67
N HIS A 135 -28.50 -10.57 17.30
CA HIS A 135 -29.40 -9.80 18.19
C HIS A 135 -29.51 -8.33 17.81
N GLY A 136 -29.21 -8.02 16.56
CA GLY A 136 -29.21 -6.66 16.03
C GLY A 136 -28.01 -5.83 16.41
N LEU A 137 -26.98 -6.46 16.96
CA LEU A 137 -25.83 -5.73 17.49
C LEU A 137 -24.68 -5.82 16.51
N ASP A 138 -23.64 -5.05 16.79
CA ASP A 138 -22.58 -4.86 15.85
C ASP A 138 -21.27 -5.55 16.35
N GLY A 139 -20.94 -6.68 15.72
CA GLY A 139 -19.75 -7.45 16.06
C GLY A 139 -18.45 -6.84 15.68
N SER A 140 -18.45 -5.82 14.83
CA SER A 140 -17.22 -5.11 14.47
C SER A 140 -16.78 -4.12 15.54
N ARG A 141 -17.73 -3.49 16.24
CA ARG A 141 -17.47 -2.35 17.17
C ARG A 141 -17.90 -2.46 18.62
N ASP A 142 -18.90 -3.27 18.92
CA ASP A 142 -19.60 -3.22 20.19
C ASP A 142 -19.49 -4.47 21.01
N LEU A 143 -19.05 -5.57 20.41
CA LEU A 143 -18.88 -6.82 21.17
C LEU A 143 -17.96 -7.76 20.49
N SER A 144 -17.06 -8.35 21.26
CA SER A 144 -16.07 -9.32 20.70
C SER A 144 -16.27 -10.72 21.29
N ALA A 145 -15.37 -11.66 20.97
CA ALA A 145 -15.52 -13.03 21.45
C ALA A 145 -15.46 -13.13 22.96
N SER A 146 -14.52 -12.37 23.53
CA SER A 146 -14.35 -12.33 24.98
C SER A 146 -15.62 -11.79 25.68
N GLY A 147 -16.20 -10.69 25.20
CA GLY A 147 -17.47 -10.20 25.73
C GLY A 147 -18.58 -11.21 25.56
N THR A 148 -18.61 -11.89 24.42
CA THR A 148 -19.63 -12.88 24.21
C THR A 148 -19.48 -14.07 25.16
N ALA A 149 -18.24 -14.49 25.41
CA ALA A 149 -17.96 -15.56 26.38
C ALA A 149 -18.38 -15.15 27.78
N TYR A 150 -18.12 -13.87 28.13
CA TYR A 150 -18.59 -13.28 29.38
C TYR A 150 -20.12 -13.37 29.51
N LEU A 151 -20.82 -12.85 28.52
CA LEU A 151 -22.29 -12.98 28.48
C LEU A 151 -22.78 -14.44 28.64
N ALA A 152 -22.05 -15.39 28.08
CA ALA A 152 -22.31 -16.83 28.27
C ALA A 152 -22.11 -17.44 29.69
N THR A 153 -21.28 -16.78 30.50
CA THR A 153 -20.82 -17.24 31.81
C THR A 153 -21.01 -16.24 32.94
N ARG A 154 -21.51 -15.05 32.62
CA ARG A 154 -21.70 -13.94 33.57
C ARG A 154 -22.53 -14.42 34.78
N LEU A 155 -23.50 -15.27 34.52
CA LEU A 155 -24.35 -15.67 35.61
C LEU A 155 -23.69 -16.74 36.47
N LEU A 156 -22.49 -17.21 36.11
CA LEU A 156 -21.67 -18.07 36.97
C LEU A 156 -20.52 -17.35 37.69
N ASN A 157 -19.95 -16.33 37.08
CA ASN A 157 -18.74 -15.71 37.59
C ASN A 157 -18.70 -14.33 36.97
N ARG A 158 -18.79 -13.32 37.80
CA ARG A 158 -18.74 -11.95 37.32
C ARG A 158 -17.29 -11.41 37.35
N LYS A 159 -16.35 -12.15 37.89
CA LYS A 159 -14.99 -11.57 38.10
C LYS A 159 -14.15 -11.48 36.81
N THR A 160 -14.56 -12.22 35.76
CA THR A 160 -13.95 -12.23 34.43
C THR A 160 -14.26 -11.05 33.50
N ALA A 161 -15.19 -10.19 33.90
CA ALA A 161 -15.54 -9.02 33.11
C ALA A 161 -14.33 -8.18 32.57
N PRO A 162 -13.27 -7.95 33.40
CA PRO A 162 -12.11 -7.22 32.85
C PRO A 162 -11.44 -7.95 31.68
N LEU A 163 -11.30 -9.26 31.80
CA LEU A 163 -10.86 -10.11 30.68
C LEU A 163 -11.63 -9.87 29.38
N ALA A 164 -12.94 -9.70 29.51
CA ALA A 164 -13.81 -9.48 28.40
C ALA A 164 -13.47 -8.22 27.66
N LEU A 165 -13.09 -7.19 28.39
CA LEU A 165 -12.75 -5.96 27.77
C LEU A 165 -11.34 -5.98 27.16
N VAL A 166 -10.47 -6.82 27.68
CA VAL A 166 -9.13 -7.01 27.15
C VAL A 166 -9.29 -7.47 25.73
N GLY A 167 -10.17 -8.45 25.53
CA GLY A 167 -10.47 -8.96 24.21
C GLY A 167 -11.04 -7.89 23.27
N ALA A 168 -12.00 -7.09 23.76
CA ALA A 168 -12.52 -5.87 22.99
C ALA A 168 -11.41 -4.93 22.48
N LEU A 169 -10.43 -4.65 23.34
CA LEU A 169 -9.31 -3.80 22.95
C LEU A 169 -8.35 -4.52 22.04
N GLY A 170 -8.14 -5.81 22.28
CA GLY A 170 -7.46 -6.68 21.30
C GLY A 170 -8.07 -6.51 19.91
N ASP A 171 -9.40 -6.49 19.82
CA ASP A 171 -10.09 -6.31 18.55
C ASP A 171 -10.38 -4.83 18.18
N MET A 172 -9.61 -3.88 18.73
CA MET A 172 -9.69 -2.47 18.32
C MET A 172 -11.09 -1.86 18.50
N GLN A 173 -11.88 -2.41 19.42
CA GLN A 173 -13.23 -1.90 19.69
C GLN A 173 -13.27 -0.79 20.71
N TYR A 174 -12.24 0.05 20.74
CA TYR A 174 -12.22 1.24 21.56
C TYR A 174 -11.91 2.45 20.65
N THR A 175 -12.91 3.29 20.42
CA THR A 175 -12.67 4.54 19.70
C THR A 175 -13.13 5.74 20.51
N ASP A 176 -12.20 6.25 21.31
CA ASP A 176 -12.53 7.24 22.36
C ASP A 176 -13.74 6.83 23.26
N GLY A 177 -13.95 5.52 23.45
CA GLY A 177 -15.00 4.99 24.30
C GLY A 177 -15.28 3.54 23.97
N PHE A 178 -15.67 2.75 24.96
CA PHE A 178 -16.38 1.53 24.72
C PHE A 178 -17.82 1.92 24.37
N THR A 179 -18.42 1.16 23.44
CA THR A 179 -19.76 1.39 22.96
C THR A 179 -20.57 0.14 23.04
N GLY A 180 -21.88 0.30 23.10
CA GLY A 180 -22.78 -0.84 22.99
C GLY A 180 -22.60 -1.84 24.10
N ALA A 181 -22.70 -3.12 23.78
CA ALA A 181 -22.49 -4.19 24.71
C ALA A 181 -21.20 -4.08 25.58
N ASN A 182 -20.11 -3.59 25.00
CA ASN A 182 -18.85 -3.45 25.71
C ASN A 182 -19.01 -2.39 26.83
N ARG A 183 -19.75 -1.32 26.54
CA ARG A 183 -20.10 -0.36 27.59
C ARG A 183 -20.87 -1.04 28.70
N PHE A 184 -21.86 -1.83 28.33
CA PHE A 184 -22.60 -2.57 29.30
C PHE A 184 -21.66 -3.42 30.19
N ILE A 185 -20.72 -4.15 29.58
CA ILE A 185 -19.77 -4.97 30.35
C ILE A 185 -18.88 -4.12 31.27
N MET A 186 -18.40 -2.99 30.75
CA MET A 186 -17.60 -2.05 31.51
C MET A 186 -18.33 -1.62 32.79
N GLU A 187 -19.59 -1.22 32.64
CA GLU A 187 -20.43 -0.76 33.77
C GLU A 187 -20.63 -1.86 34.79
N GLU A 188 -20.97 -3.03 34.31
CA GLU A 188 -21.15 -4.14 35.17
C GLU A 188 -19.82 -4.49 35.92
N ALA A 189 -18.67 -4.28 35.26
CA ALA A 189 -17.37 -4.57 35.87
C ALA A 189 -17.05 -3.55 36.95
N VAL A 190 -17.46 -2.32 36.73
CA VAL A 190 -17.26 -1.25 37.69
C VAL A 190 -18.10 -1.46 38.97
N GLU A 191 -19.38 -1.80 38.83
CA GLU A 191 -20.24 -2.15 40.00
C GLU A 191 -19.90 -3.49 40.67
N GLU A 192 -19.25 -4.41 39.95
CA GLU A 192 -18.71 -5.56 40.61
C GLU A 192 -17.49 -5.19 41.50
N GLY A 193 -16.81 -4.08 41.21
CA GLY A 193 -15.66 -3.64 41.94
C GLY A 193 -14.34 -4.14 41.37
N VAL A 194 -14.37 -4.88 40.27
CA VAL A 194 -13.17 -5.45 39.65
C VAL A 194 -12.57 -4.66 38.47
N LEU A 195 -13.14 -3.49 38.19
CA LEU A 195 -12.66 -2.57 37.17
C LEU A 195 -12.79 -1.15 37.68
N GLN A 196 -11.73 -0.37 37.49
CA GLN A 196 -11.74 1.03 37.79
C GLN A 196 -11.40 1.77 36.48
N VAL A 197 -11.83 3.02 36.37
CA VAL A 197 -11.62 3.84 35.17
C VAL A 197 -11.16 5.21 35.59
N HIS A 198 -10.11 5.74 35.02
CA HIS A 198 -9.75 7.13 35.39
C HIS A 198 -9.05 7.78 34.23
N SER A 199 -8.98 9.10 34.24
CA SER A 199 -8.42 9.82 33.15
C SER A 199 -6.89 9.96 33.26
N ASP A 200 -6.20 9.67 32.15
CA ASP A 200 -4.76 9.73 32.16
C ASP A 200 -4.21 9.56 30.75
N LEU A 201 -2.93 9.87 30.56
CA LEU A 201 -2.23 9.50 29.32
C LEU A 201 -2.25 7.99 29.13
N LYS A 202 -2.66 7.55 27.93
CA LYS A 202 -2.83 6.13 27.64
C LYS A 202 -1.53 5.56 27.02
N LEU A 203 -0.41 5.66 27.73
CA LEU A 203 0.87 5.11 27.31
C LEU A 203 1.02 3.59 27.49
N ALA A 204 1.92 2.98 26.72
CA ALA A 204 2.19 1.54 26.87
C ALA A 204 3.09 1.28 28.08
N SER A 205 2.67 0.32 28.93
CA SER A 205 3.49 -0.26 30.00
C SER A 205 4.08 0.82 30.92
N ARG A 206 3.21 1.71 31.39
CA ARG A 206 3.64 2.84 32.18
C ARG A 206 4.43 2.44 33.45
N TYR A 207 4.26 1.24 33.99
CA TYR A 207 4.93 0.94 35.25
C TYR A 207 6.25 0.21 35.08
N THR A 208 6.54 -0.24 33.87
CA THR A 208 7.67 -1.12 33.64
C THR A 208 8.60 -0.68 32.49
N GLU A 209 8.29 0.42 31.79
CA GLU A 209 9.14 0.93 30.70
C GLU A 209 9.55 2.34 31.03
N PRO A 210 10.82 2.69 30.76
CA PRO A 210 11.13 4.10 30.87
C PRO A 210 10.35 4.93 29.83
N LEU A 211 10.14 6.21 30.10
CA LEU A 211 9.16 6.99 29.33
C LEU A 211 9.41 6.96 27.81
N TYR A 212 10.64 7.13 27.35
CA TYR A 212 10.90 7.20 25.89
C TYR A 212 10.48 5.89 25.22
N ARG A 213 10.75 4.78 25.92
CA ARG A 213 10.40 3.44 25.46
C ARG A 213 8.89 3.18 25.55
N SER A 214 8.24 3.69 26.58
CA SER A 214 6.79 3.63 26.70
C SER A 214 6.10 4.36 25.52
N ILE A 215 6.56 5.58 25.22
CA ILE A 215 6.12 6.33 24.05
C ILE A 215 6.36 5.58 22.74
N ALA A 216 7.54 5.01 22.57
CA ALA A 216 7.86 4.31 21.30
C ALA A 216 6.92 3.16 21.03
N TYR A 217 6.51 2.52 22.13
CA TYR A 217 5.68 1.32 22.09
C TYR A 217 4.20 1.65 22.31
N THR A 218 3.82 2.91 22.31
CA THR A 218 2.40 3.26 22.25
C THR A 218 1.97 3.26 20.77
N PHE A 219 1.39 2.13 20.37
CA PHE A 219 0.88 1.92 19.02
C PHE A 219 -0.56 2.34 18.88
N ASN A 220 -1.32 2.26 19.96
CA ASN A 220 -2.70 2.66 19.91
C ASN A 220 -3.06 3.22 21.28
N PRO A 221 -3.44 4.51 21.41
CA PRO A 221 -3.59 5.47 20.31
C PRO A 221 -2.26 5.87 19.71
N ALA A 222 -2.23 6.03 18.40
CA ALA A 222 -0.99 6.21 17.68
C ALA A 222 -0.41 7.57 17.90
N LEU A 223 0.93 7.64 17.86
CA LEU A 223 1.71 8.89 18.03
C LEU A 223 2.69 9.16 16.88
N PRO A 224 2.19 9.73 15.78
CA PRO A 224 2.97 10.04 14.55
C PRO A 224 4.26 10.77 14.82
N GLY A 225 5.36 10.26 14.32
CA GLY A 225 6.74 10.73 14.66
C GLY A 225 7.44 10.01 15.84
N LEU A 226 6.66 9.34 16.66
CA LEU A 226 7.16 8.90 17.94
C LEU A 226 6.98 7.39 18.03
N THR A 227 5.74 6.96 17.80
CA THR A 227 5.42 5.56 17.81
C THR A 227 6.39 4.81 16.93
N GLY A 228 6.98 3.74 17.45
CA GLY A 228 7.93 2.93 16.70
C GLY A 228 9.31 3.57 16.52
N ASP A 229 9.54 4.73 17.13
CA ASP A 229 10.78 5.41 16.90
C ASP A 229 11.43 5.81 18.23
N MET A 230 12.35 4.97 18.65
CA MET A 230 13.05 5.15 19.92
C MET A 230 13.90 6.41 19.96
N GLU A 231 14.67 6.63 18.91
CA GLU A 231 15.48 7.87 18.81
C GLU A 231 14.59 9.11 18.86
N ALA A 232 13.58 9.18 18.01
CA ALA A 232 12.64 10.31 17.98
C ALA A 232 11.88 10.52 19.28
N SER A 233 11.57 9.44 19.99
CA SER A 233 10.87 9.59 21.28
C SER A 233 11.79 10.10 22.36
N MET A 234 13.05 9.69 22.31
CA MET A 234 14.06 10.19 23.23
C MET A 234 14.28 11.70 23.03
N GLY A 235 14.57 12.09 21.78
CA GLY A 235 14.86 13.50 21.43
C GLY A 235 13.66 14.41 21.63
N PHE A 236 12.49 13.93 21.25
CA PHE A 236 11.26 14.57 21.63
C PHE A 236 11.21 14.99 23.11
N LEU A 237 11.51 14.07 24.02
CA LEU A 237 11.36 14.37 25.44
C LEU A 237 12.39 15.44 25.91
N GLU A 238 13.63 15.28 25.48
CA GLU A 238 14.62 16.33 25.73
C GLU A 238 14.16 17.68 25.25
N ASN A 239 13.74 17.74 23.98
CA ASN A 239 13.21 18.99 23.41
C ASN A 239 12.25 19.74 24.30
N ILE A 240 11.34 18.99 24.92
CA ILE A 240 10.32 19.60 25.84
C ILE A 240 10.69 19.59 27.37
N GLY A 241 11.88 19.12 27.71
CA GLY A 241 12.35 19.12 29.08
C GLY A 241 11.73 18.11 30.04
N VAL A 242 11.50 16.89 29.57
CA VAL A 242 10.85 15.88 30.40
C VAL A 242 11.84 14.74 30.42
N SER A 243 12.08 14.16 31.61
CA SER A 243 13.07 13.08 31.78
C SER A 243 12.63 11.90 30.94
N TYR A 244 13.60 11.27 30.30
CA TYR A 244 13.30 10.22 29.36
C TYR A 244 13.57 8.81 29.83
N GLY A 245 14.45 8.67 30.85
CA GLY A 245 14.78 7.40 31.46
C GLY A 245 14.01 7.11 32.72
N VAL A 246 13.09 7.98 33.15
CA VAL A 246 12.20 7.63 34.26
C VAL A 246 10.83 7.13 33.78
N LYS A 247 10.28 6.18 34.53
CA LYS A 247 8.92 5.73 34.33
C LYS A 247 7.95 6.85 34.64
N TYR A 248 6.87 6.88 33.85
CA TYR A 248 5.81 7.88 33.95
C TYR A 248 5.34 8.18 35.41
N PRO A 249 5.04 7.14 36.19
CA PRO A 249 4.61 7.50 37.55
C PRO A 249 5.66 8.32 38.29
N ASP A 250 6.94 8.02 38.08
CA ASP A 250 8.03 8.65 38.82
C ASP A 250 8.39 10.03 38.36
N LEU A 251 7.79 10.56 37.31
CA LEU A 251 8.06 11.92 36.86
C LEU A 251 7.60 12.93 37.90
N SER A 252 8.11 14.17 37.85
CA SER A 252 7.53 15.24 38.67
C SER A 252 6.09 15.52 38.23
N PRO A 253 5.22 16.07 39.13
CA PRO A 253 3.90 16.64 38.75
C PRO A 253 3.98 17.60 37.61
N GLU A 254 5.01 18.44 37.59
CA GLU A 254 5.13 19.40 36.46
C GLU A 254 5.56 18.75 35.18
N GLU A 255 6.39 17.71 35.24
CA GLU A 255 6.71 16.96 34.03
C GLU A 255 5.44 16.24 33.42
N ARG A 256 4.58 15.72 34.29
CA ARG A 256 3.32 15.15 33.87
C ARG A 256 2.46 16.11 33.04
N ASP A 257 2.36 17.35 33.50
CA ASP A 257 1.55 18.36 32.89
C ASP A 257 2.12 18.72 31.55
N VAL A 258 3.44 18.86 31.48
CA VAL A 258 4.11 19.27 30.22
C VAL A 258 3.88 18.19 29.19
N LEU A 259 3.97 16.94 29.65
CA LEU A 259 3.92 15.82 28.72
C LEU A 259 2.46 15.63 28.21
N ARG A 260 1.45 15.77 29.06
CA ARG A 260 0.05 15.70 28.62
C ARG A 260 -0.16 16.68 27.46
N ASP A 261 0.17 17.92 27.74
CA ASP A 261 -0.12 18.99 26.81
C ASP A 261 0.68 18.87 25.52
N GLU A 262 1.92 18.41 25.59
CA GLU A 262 2.70 18.16 24.39
C GLU A 262 2.31 16.92 23.59
N LEU A 263 1.93 15.85 24.27
CA LEU A 263 1.50 14.63 23.52
C LEU A 263 0.10 14.79 22.93
N THR A 264 -0.73 15.57 23.61
CA THR A 264 -2.11 15.88 23.19
C THR A 264 -2.08 16.65 21.85
N ARG A 265 -1.08 17.50 21.63
CA ARG A 265 -0.91 18.15 20.35
C ARG A 265 -0.79 17.11 19.25
N ILE A 266 0.04 16.09 19.50
CA ILE A 266 0.33 15.05 18.50
C ILE A 266 -0.89 14.18 18.19
N ASN A 267 -1.64 13.82 19.22
CA ASN A 267 -2.91 13.09 19.09
C ASN A 267 -3.73 13.27 20.35
N PRO A 268 -4.89 13.92 20.24
CA PRO A 268 -5.69 14.17 21.48
C PRO A 268 -6.28 12.94 22.14
N GLU A 269 -6.41 11.86 21.40
CA GLU A 269 -6.94 10.63 22.01
C GLU A 269 -5.95 9.99 23.01
N ILE A 270 -4.71 10.51 23.09
CA ILE A 270 -3.70 10.02 24.02
C ILE A 270 -4.07 10.32 25.45
N PHE A 271 -4.82 11.39 25.69
CA PHE A 271 -5.43 11.58 27.03
C PHE A 271 -6.87 11.06 27.09
N GLY A 272 -7.15 10.09 27.97
CA GLY A 272 -8.51 9.58 28.08
C GLY A 272 -8.71 8.55 29.15
N GLU A 273 -9.68 7.68 28.94
CA GLU A 273 -9.98 6.63 29.89
C GLU A 273 -8.87 5.60 29.94
N VAL A 274 -8.36 5.31 31.14
CA VAL A 274 -7.46 4.19 31.37
C VAL A 274 -8.23 3.21 32.22
N PHE A 275 -8.18 1.92 31.84
CA PHE A 275 -8.87 0.86 32.52
C PHE A 275 -7.92 0.00 33.35
N THR A 276 -8.20 -0.10 34.66
CA THR A 276 -7.39 -0.93 35.57
C THR A 276 -8.20 -1.95 36.34
N SER A 277 -7.53 -3.02 36.70
CA SER A 277 -8.13 -4.00 37.56
C SER A 277 -7.04 -4.47 38.49
N ARG A 278 -7.40 -4.59 39.76
CA ARG A 278 -6.43 -4.89 40.81
C ARG A 278 -5.69 -6.23 40.49
N GLU A 279 -6.40 -7.28 40.12
CA GLU A 279 -5.76 -8.52 39.59
C GLU A 279 -4.64 -8.38 38.51
N PHE A 280 -4.57 -7.24 37.79
CA PHE A 280 -3.56 -6.99 36.74
C PHE A 280 -2.59 -5.83 37.01
N ARG A 281 -2.68 -5.15 38.16
CA ARG A 281 -1.57 -4.28 38.60
C ARG A 281 -0.26 -5.15 38.61
N ASN A 282 0.87 -4.50 38.34
CA ASN A 282 2.19 -5.18 38.22
C ASN A 282 2.43 -5.84 36.83
N ILE A 283 1.39 -5.92 36.01
CA ILE A 283 1.50 -6.24 34.57
C ILE A 283 1.16 -4.99 33.73
N GLY A 284 0.04 -4.34 34.05
CA GLY A 284 -0.35 -3.03 33.50
C GLY A 284 -1.87 -2.85 33.35
N ASP A 285 -2.26 -1.84 32.57
CA ASP A 285 -3.70 -1.60 32.30
C ASP A 285 -4.25 -2.60 31.27
N LEU A 286 -5.56 -2.47 30.99
CA LEU A 286 -6.21 -3.42 30.09
C LEU A 286 -5.58 -3.48 28.70
N SER A 287 -5.27 -2.35 28.07
CA SER A 287 -4.56 -2.48 26.77
C SER A 287 -3.20 -3.18 26.89
N ASP A 288 -2.48 -2.99 28.00
CA ASP A 288 -1.22 -3.69 28.24
C ASP A 288 -1.47 -5.19 28.29
N ILE A 289 -2.54 -5.61 28.98
CA ILE A 289 -2.87 -7.00 29.01
C ILE A 289 -3.08 -7.54 27.62
N ALA A 290 -3.86 -6.82 26.83
CA ALA A 290 -4.14 -7.25 25.44
C ALA A 290 -2.82 -7.35 24.64
N GLY A 291 -1.92 -6.42 24.88
CA GLY A 291 -0.60 -6.47 24.29
C GLY A 291 0.09 -7.77 24.60
N VAL A 292 0.06 -8.12 25.87
CA VAL A 292 0.75 -9.32 26.34
C VAL A 292 0.20 -10.63 25.72
N LEU A 293 -1.13 -10.71 25.63
CA LEU A 293 -1.74 -11.85 25.05
C LEU A 293 -1.41 -11.99 23.55
N ASP A 294 -1.35 -10.88 22.81
CA ASP A 294 -0.92 -10.90 21.40
C ASP A 294 0.48 -11.39 21.21
N ALA A 295 1.43 -10.87 21.98
CA ALA A 295 2.79 -11.43 22.04
C ALA A 295 2.75 -12.90 22.38
N CYS A 296 2.01 -13.29 23.42
CA CYS A 296 1.87 -14.76 23.70
C CYS A 296 1.30 -15.54 22.53
N GLY A 297 0.19 -15.06 21.98
CA GLY A 297 -0.45 -15.64 20.80
C GLY A 297 0.51 -15.81 19.61
N LYS A 298 1.22 -14.74 19.24
CA LYS A 298 2.16 -14.77 18.10
C LYS A 298 3.34 -15.75 18.29
N ASN A 299 3.84 -15.85 19.50
CA ASN A 299 4.88 -16.86 19.79
C ASN A 299 4.40 -18.28 20.10
N ARG A 300 3.13 -18.58 19.81
CA ARG A 300 2.53 -19.88 20.04
C ARG A 300 2.71 -20.30 21.52
N LYS A 301 2.62 -19.34 22.43
CA LYS A 301 2.80 -19.59 23.87
C LYS A 301 1.49 -19.42 24.63
N TYR A 302 0.54 -20.24 24.23
CA TYR A 302 -0.78 -20.30 24.85
C TYR A 302 -0.44 -21.05 26.09
N GLY A 303 -1.14 -20.78 27.17
CA GLY A 303 -0.79 -21.47 28.40
C GLY A 303 -0.15 -20.43 29.25
N ILE A 304 0.93 -19.83 28.77
CA ILE A 304 1.44 -18.66 29.46
C ILE A 304 0.40 -17.51 29.36
N GLY A 305 -0.15 -17.32 28.17
CA GLY A 305 -1.15 -16.27 27.91
C GLY A 305 -2.46 -16.57 28.64
N ILE A 306 -3.01 -17.74 28.38
CA ILE A 306 -4.16 -18.21 29.15
C ILE A 306 -3.90 -18.26 30.66
N GLY A 307 -2.68 -18.61 31.03
CA GLY A 307 -2.30 -18.75 32.44
C GLY A 307 -2.33 -17.42 33.13
N LEU A 308 -1.95 -16.39 32.38
CA LEU A 308 -2.00 -15.02 32.88
C LEU A 308 -3.47 -14.65 33.20
N CYS A 309 -4.40 -15.03 32.33
CA CYS A 309 -5.85 -14.76 32.58
C CYS A 309 -6.45 -15.37 33.84
N LEU A 310 -5.94 -16.54 34.28
CA LEU A 310 -6.37 -17.21 35.53
C LEU A 310 -5.71 -16.71 36.82
N GLY A 311 -4.49 -16.16 36.70
CA GLY A 311 -3.74 -15.68 37.86
C GLY A 311 -2.37 -16.33 38.01
N GLU A 312 -2.06 -17.36 37.21
CA GLU A 312 -0.75 -18.06 37.24
C GLU A 312 0.43 -17.16 36.84
N ARG A 313 0.70 -16.16 37.68
CA ARG A 313 1.58 -15.02 37.36
C ARG A 313 2.90 -15.03 38.17
N GLU A 314 3.46 -16.22 38.40
CA GLU A 314 4.62 -16.40 39.29
C GLU A 314 5.92 -15.97 38.57
N GLY A 315 6.85 -16.91 38.31
CA GLY A 315 7.97 -16.65 37.39
C GLY A 315 7.53 -16.47 35.95
N ALA A 316 6.28 -16.85 35.65
CA ALA A 316 5.69 -16.77 34.31
C ALA A 316 5.21 -15.37 33.85
N LEU A 317 4.97 -14.45 34.78
CA LEU A 317 4.82 -13.04 34.41
C LEU A 317 6.05 -12.55 33.65
N ASP A 318 7.22 -12.98 34.15
CA ASP A 318 8.53 -12.54 33.69
C ASP A 318 8.82 -13.09 32.30
N VAL A 319 8.40 -14.34 32.06
CA VAL A 319 8.43 -14.94 30.73
C VAL A 319 7.52 -14.19 29.73
N ALA A 320 6.31 -13.82 30.14
CA ALA A 320 5.40 -13.10 29.25
C ALA A 320 5.96 -11.68 28.94
N LEU A 321 6.49 -11.01 29.96
CA LEU A 321 7.04 -9.66 29.83
C LEU A 321 8.18 -9.57 28.80
N GLU A 322 8.93 -10.65 28.71
CA GLU A 322 10.04 -10.73 27.82
C GLU A 322 9.62 -11.27 26.42
N LEU A 323 8.60 -12.12 26.32
CA LEU A 323 7.96 -12.32 25.00
C LEU A 323 7.45 -10.97 24.46
N GLN A 324 6.80 -10.20 25.31
CA GLN A 324 6.29 -8.92 24.90
C GLN A 324 7.40 -8.02 24.36
N LYS A 325 8.58 -8.01 24.99
CA LYS A 325 9.68 -7.14 24.59
C LYS A 325 10.12 -7.40 23.13
N ASN A 326 10.30 -8.70 22.82
CA ASN A 326 10.69 -9.21 21.51
C ASN A 326 9.65 -9.02 20.45
N TYR A 327 8.40 -9.09 20.83
CA TYR A 327 7.27 -8.86 19.92
C TYR A 327 7.21 -7.40 19.53
N ARG A 328 7.29 -6.54 20.54
CA ARG A 328 7.30 -5.09 20.34
C ARG A 328 8.49 -4.67 19.52
N GLU A 329 9.63 -5.34 19.72
CA GLU A 329 10.79 -5.10 18.86
C GLU A 329 10.61 -5.60 17.44
N GLU A 330 9.91 -6.71 17.23
CA GLU A 330 9.59 -7.09 15.89
C GLU A 330 8.56 -6.11 15.30
N LEU A 331 7.63 -5.58 16.09
CA LEU A 331 6.68 -4.61 15.56
C LEU A 331 7.40 -3.33 15.10
N VAL A 332 8.29 -2.78 15.94
CA VAL A 332 9.16 -1.66 15.56
C VAL A 332 9.86 -1.92 14.22
N LYS A 333 10.58 -3.06 14.13
CA LYS A 333 11.28 -3.46 12.89
C LYS A 333 10.32 -3.64 11.73
N GLY A 334 9.17 -4.20 12.03
CA GLY A 334 8.06 -4.25 11.07
C GLY A 334 7.65 -2.94 10.45
N LEU A 335 7.42 -1.95 11.30
CA LEU A 335 7.05 -0.63 10.82
C LEU A 335 8.16 0.06 9.97
N ALA A 336 9.42 -0.07 10.40
CA ALA A 336 10.54 0.52 9.66
C ALA A 336 10.60 -0.11 8.29
N TRP A 337 10.38 -1.43 8.21
CA TRP A 337 10.24 -2.13 6.91
C TRP A 337 9.17 -1.54 6.01
N ILE A 338 8.00 -1.17 6.57
CA ILE A 338 6.97 -0.53 5.79
C ILE A 338 7.40 0.88 5.38
N ARG A 339 8.04 1.64 6.26
CA ARG A 339 8.54 2.97 5.88
C ARG A 339 9.57 2.88 4.76
N ARG A 340 10.39 1.83 4.79
CA ARG A 340 11.47 1.64 3.84
C ARG A 340 10.92 1.31 2.44
N GLU A 341 10.32 0.11 2.32
CA GLU A 341 9.62 -0.35 1.14
C GLU A 341 8.19 -0.08 1.43
N GLY A 342 7.54 0.80 0.68
CA GLY A 342 6.18 1.23 1.09
C GLY A 342 5.24 0.10 0.66
N SER A 343 4.14 0.46 0.04
CA SER A 343 3.18 -0.52 -0.48
C SER A 343 3.16 -0.57 -2.02
N THR A 344 2.48 -1.57 -2.56
CA THR A 344 2.20 -1.64 -3.96
C THR A 344 0.71 -1.42 -4.10
N THR A 345 0.39 -0.45 -4.95
CA THR A 345 -0.93 0.14 -5.04
C THR A 345 -1.58 -0.32 -6.29
N LEU A 346 -2.77 -0.95 -6.14
CA LEU A 346 -3.67 -1.28 -7.26
C LEU A 346 -4.72 -0.18 -7.37
N GLU A 347 -5.85 -0.47 -7.99
CA GLU A 347 -6.97 0.49 -8.09
C GLU A 347 -7.58 0.84 -6.75
N ASN A 348 -7.94 -0.18 -6.00
CA ASN A 348 -8.82 0.02 -4.83
C ASN A 348 -8.21 -0.55 -3.57
N LEU A 349 -6.98 -1.04 -3.64
CA LEU A 349 -6.30 -1.49 -2.47
C LEU A 349 -4.83 -1.32 -2.69
N GLN A 350 -4.10 -1.58 -1.62
CA GLN A 350 -2.63 -1.53 -1.64
C GLN A 350 -2.19 -2.73 -0.84
N TYR A 351 -1.01 -3.23 -1.11
CA TYR A 351 -0.51 -4.43 -0.44
C TYR A 351 0.94 -4.39 -0.14
N ILE A 352 1.29 -5.29 0.75
CA ILE A 352 2.60 -5.44 1.32
C ILE A 352 2.84 -6.94 1.50
N TYR A 353 4.01 -7.41 1.09
CA TYR A 353 4.28 -8.83 0.96
C TYR A 353 5.53 -9.18 1.69
N SER A 354 5.54 -10.34 2.34
CA SER A 354 6.77 -10.80 2.97
C SER A 354 7.00 -12.33 3.06
N GLU A 355 8.27 -12.70 2.99
CA GLU A 355 8.75 -14.04 3.26
C GLU A 355 9.64 -14.04 4.51
N ASP A 356 9.84 -12.88 5.13
CA ASP A 356 10.65 -12.83 6.32
C ASP A 356 9.84 -13.44 7.46
N LYS A 357 10.33 -14.57 7.98
CA LYS A 357 9.62 -15.35 8.98
C LYS A 357 9.40 -14.54 10.24
N ALA A 358 10.31 -13.61 10.50
CA ALA A 358 10.18 -12.68 11.59
C ALA A 358 8.89 -11.85 11.52
N PHE A 359 8.47 -11.39 10.33
CA PHE A 359 7.10 -10.82 10.23
C PHE A 359 5.99 -11.88 10.10
N LYS A 360 6.24 -13.11 10.58
CA LYS A 360 5.29 -14.22 10.48
C LYS A 360 3.89 -13.81 10.95
N GLY A 361 3.61 -13.88 12.24
CA GLY A 361 2.27 -13.58 12.76
C GLY A 361 1.95 -12.13 13.14
N ILE A 362 2.72 -11.16 12.64
CA ILE A 362 2.44 -9.71 12.93
C ILE A 362 2.02 -8.83 11.73
N MET A 363 1.92 -9.45 10.57
CA MET A 363 1.59 -8.77 9.35
C MET A 363 0.31 -7.93 9.49
N GLY A 364 -0.70 -8.55 10.11
CA GLY A 364 -1.97 -7.90 10.42
C GLY A 364 -1.88 -6.70 11.35
N THR A 365 -1.15 -6.88 12.42
CA THR A 365 -0.90 -5.81 13.38
C THR A 365 -0.11 -4.59 12.82
N ILE A 366 0.98 -4.87 12.07
CA ILE A 366 1.79 -3.79 11.49
C ILE A 366 1.06 -3.03 10.38
N ALA A 367 0.20 -3.73 9.67
CA ALA A 367 -0.68 -3.06 8.74
C ALA A 367 -1.59 -2.08 9.42
N SER A 368 -2.30 -2.51 10.47
CA SER A 368 -3.19 -1.62 11.26
C SER A 368 -2.42 -0.43 11.77
N ILE A 369 -1.26 -0.65 12.31
CA ILE A 369 -0.51 0.47 12.89
C ILE A 369 0.04 1.39 11.81
N SER A 370 0.52 0.84 10.69
CA SER A 370 0.95 1.70 9.59
C SER A 370 -0.17 2.63 9.12
N LEU A 371 -1.40 2.16 9.13
CA LEU A 371 -2.49 2.98 8.71
C LEU A 371 -2.85 4.08 9.71
N SER A 372 -2.93 3.73 11.01
CA SER A 372 -3.12 4.73 12.10
C SER A 372 -2.06 5.84 12.09
N LEU A 373 -0.82 5.47 11.78
CA LEU A 373 0.29 6.42 11.63
C LEU A 373 0.31 7.15 10.30
N LYS A 374 -0.45 6.64 9.32
CA LYS A 374 -0.58 7.26 8.05
C LYS A 374 0.72 7.24 7.29
N ILE A 375 1.51 6.20 7.56
CA ILE A 375 2.70 5.87 6.77
C ILE A 375 2.22 5.32 5.43
N LEU A 376 1.10 4.61 5.43
CA LEU A 376 0.38 4.21 4.25
C LEU A 376 -0.93 4.98 4.27
N ASP A 377 -1.46 5.28 3.08
CA ASP A 377 -2.68 6.04 2.93
C ASP A 377 -3.82 5.30 3.66
N PRO A 378 -4.39 5.91 4.72
CA PRO A 378 -5.38 5.23 5.55
C PRO A 378 -6.71 4.97 4.87
N ASP A 379 -6.95 5.69 3.78
CA ASP A 379 -8.21 5.57 3.05
C ASP A 379 -8.24 4.42 2.04
N ILE A 380 -7.11 3.75 1.80
CA ILE A 380 -6.94 2.69 0.80
C ILE A 380 -6.70 1.39 1.55
N PRO A 381 -7.66 0.44 1.48
CA PRO A 381 -7.52 -0.88 2.13
C PRO A 381 -6.16 -1.53 1.94
N LEU A 382 -5.63 -2.11 3.00
CA LEU A 382 -4.29 -2.61 2.99
C LEU A 382 -4.39 -4.10 3.22
N LEU A 383 -3.73 -4.90 2.38
CA LEU A 383 -3.57 -6.33 2.51
C LEU A 383 -2.11 -6.63 2.76
N GLY A 384 -1.86 -7.29 3.91
CA GLY A 384 -0.56 -7.83 4.29
C GLY A 384 -0.52 -9.29 3.93
N LEU A 385 0.59 -9.74 3.36
CA LEU A 385 0.72 -11.06 2.84
C LEU A 385 2.02 -11.71 3.34
N SER A 386 1.88 -12.89 3.97
CA SER A 386 2.99 -13.64 4.52
C SER A 386 3.02 -14.91 3.74
N ARG A 387 4.16 -15.23 3.13
CA ARG A 387 4.27 -16.54 2.51
C ARG A 387 4.35 -17.66 3.57
N MET A 388 3.67 -18.77 3.26
CA MET A 388 3.63 -19.99 4.08
C MET A 388 3.70 -21.20 3.15
N ASP A 389 4.94 -21.55 2.81
CA ASP A 389 5.26 -22.65 1.94
C ASP A 389 4.63 -22.39 0.56
N GLN A 390 3.56 -23.15 0.22
CA GLN A 390 2.88 -23.04 -1.06
C GLN A 390 1.66 -22.16 -0.93
N HIS A 391 1.46 -21.58 0.25
CA HIS A 391 0.30 -20.74 0.51
C HIS A 391 0.70 -19.31 0.82
N VAL A 392 -0.30 -18.45 0.84
CA VAL A 392 -0.07 -17.11 1.32
C VAL A 392 -1.23 -16.78 2.25
N LYS A 393 -0.88 -16.24 3.41
CA LYS A 393 -1.80 -15.86 4.43
C LYS A 393 -2.03 -14.39 4.30
N VAL A 394 -3.27 -13.97 4.16
CA VAL A 394 -3.61 -12.59 3.89
C VAL A 394 -4.19 -11.95 5.14
N SER A 395 -3.75 -10.76 5.52
CA SER A 395 -4.38 -9.99 6.63
C SER A 395 -4.76 -8.61 6.11
N ALA A 396 -6.07 -8.35 6.03
CA ALA A 396 -6.55 -7.11 5.46
C ALA A 396 -7.05 -6.19 6.59
N ARG A 397 -6.72 -4.92 6.49
CA ARG A 397 -7.09 -3.89 7.46
C ARG A 397 -7.45 -2.62 6.72
N THR A 398 -8.50 -1.95 7.14
CA THR A 398 -8.83 -0.63 6.63
C THR A 398 -9.24 0.30 7.78
N THR A 399 -9.87 1.42 7.46
CA THR A 399 -10.32 2.39 8.45
C THR A 399 -11.78 2.68 8.26
N ARG A 400 -12.35 3.37 9.26
CA ARG A 400 -13.80 3.58 9.30
C ARG A 400 -14.37 4.33 8.12
N PRO A 401 -13.69 5.40 7.65
CA PRO A 401 -14.29 6.09 6.48
C PRO A 401 -14.33 5.23 5.20
N ALA A 402 -13.37 4.28 5.07
CA ALA A 402 -13.39 3.34 3.95
C ALA A 402 -14.56 2.35 4.08
N VAL A 403 -14.81 1.85 5.29
CA VAL A 403 -16.00 1.04 5.58
C VAL A 403 -17.28 1.82 5.32
N GLU A 404 -17.33 3.08 5.73
CA GLU A 404 -18.49 3.96 5.45
C GLU A 404 -18.79 4.17 3.99
N ARG A 405 -17.75 4.25 3.18
CA ARG A 405 -17.93 4.37 1.72
C ARG A 405 -18.27 3.04 1.01
N GLY A 406 -18.28 1.93 1.76
CA GLY A 406 -18.80 0.62 1.30
C GLY A 406 -17.84 -0.56 1.41
N VAL A 407 -16.58 -0.33 1.79
CA VAL A 407 -15.63 -1.44 1.92
C VAL A 407 -16.14 -2.47 2.98
N ASN A 408 -16.08 -3.74 2.59
CA ASN A 408 -16.31 -4.82 3.54
C ASN A 408 -15.29 -5.96 3.33
N LEU A 409 -14.25 -5.99 4.17
CA LEU A 409 -13.13 -6.88 3.94
C LEU A 409 -13.46 -8.37 4.17
N GLY A 410 -14.22 -8.65 5.21
CA GLY A 410 -14.70 -9.99 5.46
C GLY A 410 -15.43 -10.58 4.27
N VAL A 411 -16.29 -9.80 3.63
CA VAL A 411 -17.10 -10.29 2.50
C VAL A 411 -16.16 -10.49 1.30
N ALA A 412 -15.39 -9.46 0.95
CA ALA A 412 -14.48 -9.53 -0.18
C ALA A 412 -13.38 -10.61 -0.09
N LEU A 413 -12.72 -10.74 1.04
CA LEU A 413 -11.79 -11.88 1.21
C LEU A 413 -12.46 -13.27 1.21
N ARG A 414 -13.64 -13.44 1.82
CA ARG A 414 -14.33 -14.75 1.71
C ARG A 414 -14.62 -15.11 0.22
N ASP A 415 -15.25 -14.19 -0.50
CA ASP A 415 -15.72 -14.48 -1.87
C ASP A 415 -14.52 -14.63 -2.83
N ALA A 416 -13.51 -13.76 -2.70
CA ALA A 416 -12.31 -13.86 -3.52
C ALA A 416 -11.58 -15.13 -3.18
N ALA A 417 -11.41 -15.45 -1.88
CA ALA A 417 -10.68 -16.65 -1.51
C ALA A 417 -11.40 -17.92 -2.02
N ALA A 418 -12.73 -17.87 -2.04
CA ALA A 418 -13.54 -19.05 -2.40
C ALA A 418 -13.45 -19.39 -3.89
N SER A 419 -13.16 -18.42 -4.75
CA SER A 419 -12.89 -18.69 -6.16
C SER A 419 -11.72 -19.61 -6.41
N PHE A 420 -10.75 -19.63 -5.50
CA PHE A 420 -9.58 -20.54 -5.55
C PHE A 420 -9.71 -21.79 -4.62
N GLY A 421 -10.94 -22.06 -4.14
CA GLY A 421 -11.22 -23.11 -3.19
C GLY A 421 -10.69 -22.81 -1.81
N GLY A 422 -10.42 -21.54 -1.53
CA GLY A 422 -9.74 -21.15 -0.30
C GLY A 422 -10.71 -20.64 0.72
N THR A 423 -10.18 -20.34 1.89
CA THR A 423 -10.97 -19.82 3.00
C THR A 423 -10.62 -18.36 3.26
N GLY A 424 -11.62 -17.52 3.45
CA GLY A 424 -11.39 -16.20 4.02
C GLY A 424 -12.61 -15.67 4.76
N GLY A 425 -12.38 -14.64 5.59
CA GLY A 425 -13.48 -13.90 6.24
C GLY A 425 -12.97 -13.01 7.37
N GLY A 426 -13.88 -12.56 8.21
CA GLY A 426 -13.58 -11.60 9.27
C GLY A 426 -14.72 -10.62 9.45
N HIS A 427 -14.38 -9.35 9.49
CA HIS A 427 -15.35 -8.33 9.72
C HIS A 427 -15.12 -7.30 8.64
N ASP A 428 -15.95 -6.26 8.63
CA ASP A 428 -15.87 -5.17 7.67
C ASP A 428 -14.49 -4.42 7.56
N ILE A 429 -13.89 -4.16 8.71
CA ILE A 429 -12.68 -3.35 8.84
C ILE A 429 -11.39 -4.14 8.88
N ALA A 430 -11.53 -5.46 9.09
CA ALA A 430 -10.36 -6.35 9.21
C ALA A 430 -10.81 -7.76 8.84
N ALA A 431 -10.00 -8.45 8.02
CA ALA A 431 -10.27 -9.83 7.62
C ALA A 431 -9.00 -10.64 7.30
N GLY A 432 -9.19 -11.96 7.11
CA GLY A 432 -8.14 -12.93 6.87
C GLY A 432 -8.47 -13.79 5.63
N ALA A 433 -7.43 -14.39 5.04
CA ALA A 433 -7.63 -15.39 4.02
C ALA A 433 -6.42 -16.24 3.84
N MET A 434 -6.61 -17.41 3.23
CA MET A 434 -5.50 -18.31 2.93
C MET A 434 -5.73 -18.71 1.46
N VAL A 435 -4.74 -18.47 0.60
CA VAL A 435 -4.82 -18.86 -0.81
C VAL A 435 -3.54 -19.41 -1.26
N PRO A 436 -3.55 -20.13 -2.39
CA PRO A 436 -2.27 -20.61 -2.92
C PRO A 436 -1.37 -19.48 -3.39
N TYR A 437 -0.09 -19.57 -3.08
CA TYR A 437 0.87 -18.58 -3.56
C TYR A 437 0.80 -18.31 -5.09
N ARG A 438 0.67 -19.37 -5.86
CA ARG A 438 0.55 -19.31 -7.32
C ARG A 438 -0.58 -18.42 -7.76
N ASP A 439 -1.59 -18.31 -6.89
CA ASP A 439 -2.76 -17.51 -7.20
C ASP A 439 -2.72 -16.08 -6.60
N MET A 440 -1.57 -15.62 -6.10
CA MET A 440 -1.54 -14.34 -5.41
C MET A 440 -2.00 -13.20 -6.30
N GLU A 441 -1.33 -13.04 -7.44
CA GLU A 441 -1.61 -11.90 -8.34
C GLU A 441 -3.09 -11.89 -8.74
N SER A 442 -3.58 -13.03 -9.14
CA SER A 442 -4.97 -13.21 -9.50
C SER A 442 -5.96 -12.97 -8.32
N PHE A 443 -5.60 -13.41 -7.12
CA PHE A 443 -6.40 -13.13 -5.92
C PHE A 443 -6.51 -11.62 -5.60
N LEU A 444 -5.35 -10.98 -5.64
CA LEU A 444 -5.28 -9.55 -5.40
C LEU A 444 -6.09 -8.79 -6.41
N GLN A 445 -6.01 -9.17 -7.70
CA GLN A 445 -6.83 -8.52 -8.73
C GLN A 445 -8.31 -8.69 -8.44
N LEU A 446 -8.71 -9.88 -8.04
CA LEU A 446 -10.13 -10.14 -7.80
C LEU A 446 -10.59 -9.31 -6.59
N VAL A 447 -9.77 -9.27 -5.55
CA VAL A 447 -10.09 -8.47 -4.36
C VAL A 447 -10.21 -6.98 -4.77
N ASP A 448 -9.32 -6.53 -5.64
CA ASP A 448 -9.38 -5.18 -6.16
C ASP A 448 -10.71 -4.83 -6.86
N GLU A 449 -11.23 -5.77 -7.66
CA GLU A 449 -12.53 -5.60 -8.37
C GLU A 449 -13.70 -5.57 -7.44
N ILE A 450 -13.80 -6.56 -6.55
CA ILE A 450 -14.88 -6.56 -5.56
C ILE A 450 -14.89 -5.26 -4.73
N LEU A 451 -13.75 -4.85 -4.15
CA LEU A 451 -13.70 -3.56 -3.45
C LEU A 451 -14.15 -2.39 -4.36
N GLY A 452 -13.77 -2.42 -5.63
CA GLY A 452 -14.30 -1.47 -6.58
C GLY A 452 -15.82 -1.46 -6.64
N THR A 453 -16.41 -2.66 -6.71
CA THR A 453 -17.88 -2.84 -6.75
C THR A 453 -18.54 -2.37 -5.49
N GLN A 454 -17.94 -2.67 -4.36
CA GLN A 454 -18.49 -2.24 -3.08
C GLN A 454 -18.49 -0.74 -2.93
N THR A 455 -17.55 -0.04 -3.56
CA THR A 455 -17.57 1.44 -3.43
C THR A 455 -18.22 2.22 -4.59
N GLY A 456 -18.63 1.54 -5.67
CA GLY A 456 -19.03 2.23 -6.91
C GLY A 456 -20.52 2.52 -7.06
N LYS B 12 11.50 31.68 -28.89
CA LYS B 12 11.46 31.87 -27.40
C LYS B 12 10.16 31.30 -26.85
N LEU B 13 10.18 30.89 -25.60
CA LEU B 13 9.00 30.37 -24.95
C LEU B 13 8.00 31.49 -24.88
N PRO B 14 6.74 31.24 -25.26
CA PRO B 14 5.76 32.34 -25.24
C PRO B 14 5.45 32.83 -23.84
N ASP B 15 5.24 34.12 -23.70
CA ASP B 15 4.87 34.74 -22.44
C ASP B 15 3.54 34.20 -21.88
N SER B 16 2.65 33.82 -22.77
CA SER B 16 1.33 33.42 -22.36
C SER B 16 1.42 32.17 -21.43
N ILE B 17 2.23 31.20 -21.76
CA ILE B 17 2.35 30.00 -20.92
C ILE B 17 3.02 30.31 -19.57
N LEU B 18 3.96 31.25 -19.53
CA LEU B 18 4.56 31.69 -18.25
C LEU B 18 3.53 32.38 -17.40
N LYS B 19 2.70 33.19 -18.01
CA LYS B 19 1.58 33.81 -17.30
C LYS B 19 0.57 32.75 -16.81
N ARG B 20 0.33 31.69 -17.60
CA ARG B 20 -0.55 30.66 -17.05
C ARG B 20 0.04 29.96 -15.88
N GLY B 21 1.34 29.68 -15.91
CA GLY B 21 2.03 29.14 -14.76
C GLY B 21 1.91 30.06 -13.56
N ALA B 22 2.14 31.36 -13.78
CA ALA B 22 1.96 32.37 -12.73
C ALA B 22 0.57 32.31 -12.16
N GLU B 23 -0.43 32.14 -13.03
CA GLU B 23 -1.84 32.06 -12.57
C GLU B 23 -2.01 30.84 -11.63
N ALA B 24 -1.32 29.76 -11.97
CA ALA B 24 -1.41 28.54 -11.23
C ALA B 24 -0.65 28.64 -9.90
N SER B 25 0.50 29.30 -9.91
CA SER B 25 1.24 29.49 -8.67
C SER B 25 0.41 30.32 -7.64
N LYS B 26 -0.34 31.32 -8.11
CA LYS B 26 -1.12 32.20 -7.22
C LYS B 26 -2.20 31.39 -6.50
N VAL B 27 -2.91 30.56 -7.25
CA VAL B 27 -3.99 29.73 -6.68
C VAL B 27 -3.38 28.79 -5.66
N LEU B 28 -2.32 28.09 -6.06
CA LEU B 28 -1.61 27.20 -5.12
C LEU B 28 -1.19 27.94 -3.84
N GLU B 29 -0.52 29.06 -4.01
CA GLU B 29 -0.09 29.88 -2.89
C GLU B 29 -1.21 30.36 -1.99
N GLU B 30 -2.30 30.75 -2.60
CA GLU B 30 -3.44 31.18 -1.87
C GLU B 30 -3.94 30.05 -0.98
N HIS B 31 -4.06 28.84 -1.54
CA HIS B 31 -4.51 27.69 -0.74
C HIS B 31 -3.57 27.24 0.37
N LEU B 32 -2.26 27.21 0.11
CA LEU B 32 -1.22 26.97 1.14
C LEU B 32 -1.24 27.96 2.28
N GLU B 33 -1.58 29.19 1.93
CA GLU B 33 -1.57 30.27 2.89
C GLU B 33 -2.79 30.09 3.81
N ARG B 34 -3.88 29.56 3.31
CA ARG B 34 -5.02 29.19 4.14
C ARG B 34 -4.79 27.87 4.90
N GLY B 35 -3.60 27.29 4.77
CA GLY B 35 -3.20 26.12 5.52
C GLY B 35 -3.81 24.84 5.04
N ASN B 36 -4.38 24.84 3.83
CA ASN B 36 -5.05 23.65 3.39
C ASN B 36 -4.18 22.61 2.60
N ILE B 37 -4.63 21.36 2.68
CA ILE B 37 -3.83 20.25 2.17
C ILE B 37 -4.09 20.19 0.67
N ILE B 38 -3.02 20.13 -0.09
CA ILE B 38 -3.09 20.08 -1.52
C ILE B 38 -3.23 18.62 -1.98
N ARG B 39 -4.30 18.38 -2.72
CA ARG B 39 -4.55 17.10 -3.42
C ARG B 39 -3.87 17.11 -4.81
N ILE B 40 -3.06 16.11 -5.02
CA ILE B 40 -2.24 15.92 -6.17
C ILE B 40 -2.60 14.60 -6.78
N ILE B 41 -2.94 14.60 -8.07
CA ILE B 41 -3.32 13.40 -8.79
C ILE B 41 -2.38 13.35 -10.01
N SER B 42 -1.72 12.23 -10.21
CA SER B 42 -0.77 12.12 -11.29
C SER B 42 -0.62 10.68 -11.78
N HIS B 43 0.05 10.54 -12.91
CA HIS B 43 0.18 9.29 -13.63
C HIS B 43 1.37 8.50 -13.08
N ASN B 44 1.55 7.26 -13.53
CA ASN B 44 2.44 6.27 -12.81
C ASN B 44 3.65 5.89 -13.60
N ASP B 45 4.12 6.84 -14.42
CA ASP B 45 5.33 6.67 -15.17
C ASP B 45 6.34 7.75 -14.78
N ALA B 46 7.54 7.77 -15.37
CA ALA B 46 8.54 8.77 -14.94
C ALA B 46 8.02 10.21 -14.95
N ASP B 47 7.28 10.58 -15.99
CA ASP B 47 6.71 11.90 -16.13
C ASP B 47 5.72 12.22 -15.07
N GLY B 48 4.82 11.26 -14.84
CA GLY B 48 3.70 11.36 -13.87
C GLY B 48 4.23 11.49 -12.46
N LEU B 49 5.16 10.61 -12.12
CA LEU B 49 5.82 10.62 -10.81
C LEU B 49 6.69 11.81 -10.60
N SER B 50 7.50 12.20 -11.58
CA SER B 50 8.36 13.38 -11.41
C SER B 50 7.50 14.66 -11.31
N ALA B 51 6.39 14.67 -12.04
CA ALA B 51 5.46 15.79 -11.97
C ALA B 51 4.86 15.97 -10.61
N ALA B 52 4.32 14.93 -10.02
CA ALA B 52 3.85 15.03 -8.63
C ALA B 52 4.98 15.53 -7.67
N GLY B 53 6.17 14.96 -7.87
CA GLY B 53 7.37 15.36 -7.21
C GLY B 53 7.76 16.82 -7.25
N VAL B 54 7.71 17.37 -8.43
CA VAL B 54 7.86 18.82 -8.58
C VAL B 54 6.90 19.55 -7.66
N VAL B 55 5.61 19.24 -7.75
CA VAL B 55 4.57 19.97 -7.01
C VAL B 55 4.77 19.80 -5.48
N ALA B 56 4.98 18.56 -5.05
CA ALA B 56 5.15 18.19 -3.62
C ALA B 56 6.38 18.87 -2.99
N ARG B 57 7.46 18.99 -3.75
CA ARG B 57 8.69 19.73 -3.37
C ARG B 57 8.40 21.21 -3.24
N ALA B 58 7.65 21.81 -4.16
CA ALA B 58 7.29 23.23 -3.97
C ALA B 58 6.52 23.32 -2.65
N ILE B 59 5.42 22.58 -2.53
CA ILE B 59 4.62 22.59 -1.26
C ILE B 59 5.58 22.47 -0.03
N SER B 60 6.46 21.46 0.00
CA SER B 60 7.41 21.29 1.15
C SER B 60 8.33 22.44 1.40
N SER B 61 8.89 23.01 0.35
CA SER B 61 9.73 24.17 0.50
C SER B 61 8.94 25.35 1.02
N MET B 62 7.62 25.33 0.87
CA MET B 62 6.74 26.29 1.56
C MET B 62 6.15 25.88 2.95
N ASN B 63 6.64 24.75 3.53
CA ASN B 63 6.11 24.18 4.79
C ASN B 63 4.63 23.86 4.75
N GLY B 64 4.19 23.31 3.64
CA GLY B 64 2.78 23.01 3.45
C GLY B 64 2.66 21.53 3.37
N GLN B 65 1.43 21.09 3.12
CA GLN B 65 1.05 19.69 3.13
C GLN B 65 0.40 19.29 1.83
N PHE B 66 0.62 18.02 1.47
CA PHE B 66 -0.01 17.43 0.28
C PHE B 66 -0.53 16.01 0.51
N HIS B 67 -1.41 15.54 -0.35
CA HIS B 67 -1.86 14.16 -0.43
C HIS B 67 -1.90 13.61 -1.85
N ILE B 68 -0.98 12.73 -2.19
CA ILE B 68 -0.82 12.25 -3.59
C ILE B 68 -1.55 10.94 -3.84
N SER B 69 -2.24 10.81 -4.96
CA SER B 69 -2.56 9.51 -5.54
C SER B 69 -1.97 9.47 -6.94
N ILE B 70 -1.30 8.37 -7.20
CA ILE B 70 -0.74 8.07 -8.48
C ILE B 70 -1.59 7.04 -9.14
N LEU B 71 -1.98 7.24 -10.40
CA LEU B 71 -2.88 6.33 -11.09
C LEU B 71 -2.30 5.82 -12.40
N SER B 72 -2.78 4.67 -12.87
CA SER B 72 -2.40 4.23 -14.22
C SER B 72 -3.22 4.96 -15.28
N ARG B 73 -4.47 5.26 -14.97
CA ARG B 73 -5.35 5.98 -15.89
C ARG B 73 -6.38 6.73 -15.07
N LEU B 74 -6.75 7.93 -15.51
CA LEU B 74 -7.77 8.70 -14.81
C LEU B 74 -9.12 8.25 -15.33
N LYS B 75 -10.04 7.96 -14.43
CA LYS B 75 -11.37 7.42 -14.77
C LYS B 75 -12.46 8.34 -14.21
N LYS B 76 -13.65 8.25 -14.82
CA LYS B 76 -14.83 9.00 -14.38
C LYS B 76 -15.16 8.69 -12.90
N GLU B 77 -15.07 7.42 -12.52
CA GLU B 77 -15.43 6.98 -11.18
C GLU B 77 -14.42 7.42 -10.08
N PHE B 78 -13.15 7.64 -10.44
CA PHE B 78 -12.22 8.23 -9.47
C PHE B 78 -12.59 9.71 -9.19
N ILE B 79 -12.93 10.44 -10.24
CA ILE B 79 -13.30 11.84 -10.15
C ILE B 79 -14.50 12.01 -9.25
N LYS B 80 -15.53 11.19 -9.47
CA LYS B 80 -16.68 11.10 -8.52
C LYS B 80 -16.22 10.90 -7.03
N LYS B 81 -15.30 9.98 -6.78
CA LYS B 81 -14.72 9.79 -5.44
C LYS B 81 -14.01 11.07 -4.87
N LEU B 82 -13.24 11.77 -5.70
CA LEU B 82 -12.61 13.03 -5.32
C LEU B 82 -13.65 14.05 -4.86
N SER B 83 -14.75 14.14 -5.61
CA SER B 83 -15.84 15.07 -5.32
C SER B 83 -16.42 14.91 -3.88
N GLY B 84 -16.23 13.73 -3.27
CA GLY B 84 -16.57 13.51 -1.86
C GLY B 84 -15.51 13.74 -0.79
N GLU B 85 -14.33 14.19 -1.18
CA GLU B 85 -13.17 14.30 -0.26
C GLU B 85 -12.99 15.63 0.54
N LYS B 86 -13.58 16.73 0.11
CA LYS B 86 -13.44 17.96 0.94
C LYS B 86 -12.10 18.76 0.81
N TYR B 87 -11.19 18.39 -0.11
CA TYR B 87 -9.97 19.21 -0.43
C TYR B 87 -10.43 20.46 -1.20
N SER B 88 -9.79 21.60 -0.99
CA SER B 88 -10.22 22.79 -1.78
C SER B 88 -9.34 23.11 -3.01
N LEU B 89 -8.20 22.43 -3.15
CA LEU B 89 -7.42 22.47 -4.41
C LEU B 89 -7.01 21.06 -4.88
N PHE B 90 -7.28 20.76 -6.14
CA PHE B 90 -6.87 19.54 -6.81
C PHE B 90 -5.92 19.94 -7.94
N PHE B 91 -4.75 19.30 -7.91
CA PHE B 91 -3.67 19.62 -8.81
C PHE B 91 -3.49 18.25 -9.57
N PHE B 92 -3.96 18.19 -10.82
CA PHE B 92 -3.78 17.05 -11.69
C PHE B 92 -2.54 17.23 -12.56
N CYS B 93 -1.70 16.20 -12.67
CA CYS B 93 -0.57 16.24 -13.56
C CYS B 93 -0.67 15.10 -14.60
N ASP B 94 -0.36 15.37 -15.86
CA ASP B 94 -0.22 14.24 -16.85
C ASP B 94 -1.52 13.51 -17.12
N MET B 95 -2.65 14.14 -16.79
CA MET B 95 -4.00 13.61 -17.01
C MET B 95 -5.05 14.75 -16.80
N GLY B 96 -6.28 14.58 -17.27
CA GLY B 96 -7.24 15.70 -17.29
C GLY B 96 -8.06 15.83 -18.58
N SER B 97 -7.39 15.82 -19.74
CA SER B 97 -7.98 16.29 -21.02
C SER B 97 -9.37 15.72 -21.38
N ALA B 98 -9.50 14.39 -21.41
CA ALA B 98 -10.79 13.79 -21.69
C ALA B 98 -11.81 14.00 -20.58
N TYR B 99 -11.43 14.55 -19.42
CA TYR B 99 -12.35 14.74 -18.30
C TYR B 99 -12.33 16.14 -17.70
N LEU B 100 -11.94 17.13 -18.49
CA LEU B 100 -12.03 18.55 -18.01
C LEU B 100 -13.43 18.94 -17.54
N GLU B 101 -14.48 18.47 -18.20
CA GLU B 101 -15.83 18.81 -17.75
C GLU B 101 -16.22 18.19 -16.39
N GLU B 102 -15.85 16.94 -16.18
CA GLU B 102 -16.15 16.29 -14.91
C GLU B 102 -15.27 16.91 -13.84
N ILE B 103 -14.04 17.23 -14.24
CA ILE B 103 -13.09 17.85 -13.32
C ILE B 103 -13.60 19.21 -12.90
N SER B 104 -14.15 19.94 -13.87
CA SER B 104 -14.61 21.29 -13.64
C SER B 104 -15.69 21.39 -12.58
N ARG B 105 -16.44 20.31 -12.30
CA ARG B 105 -17.54 20.37 -11.34
C ARG B 105 -17.16 20.14 -9.89
N LEU B 106 -15.91 19.77 -9.65
CA LEU B 106 -15.37 19.66 -8.31
C LEU B 106 -15.56 20.95 -7.46
N LYS B 107 -16.00 20.77 -6.21
CA LYS B 107 -16.17 21.86 -5.25
C LYS B 107 -14.82 22.38 -4.77
N GLY B 108 -14.25 23.28 -5.56
CA GLY B 108 -12.99 23.91 -5.18
C GLY B 108 -12.18 24.15 -6.43
N ASP B 109 -11.03 24.77 -6.25
CA ASP B 109 -10.18 25.12 -7.35
C ASP B 109 -9.47 23.90 -7.93
N VAL B 110 -9.16 24.02 -9.20
CA VAL B 110 -8.48 22.99 -9.92
C VAL B 110 -7.38 23.58 -10.75
N ILE B 111 -6.22 22.92 -10.71
CA ILE B 111 -5.14 23.15 -11.66
C ILE B 111 -4.89 21.83 -12.40
N VAL B 112 -4.69 21.87 -13.72
CA VAL B 112 -4.40 20.69 -14.55
C VAL B 112 -3.13 21.04 -15.26
N ALA B 113 -2.05 20.33 -14.92
CA ALA B 113 -0.79 20.58 -15.56
C ALA B 113 -0.60 19.36 -16.48
N ASP B 114 -0.87 19.54 -17.77
CA ASP B 114 -0.97 18.41 -18.72
C ASP B 114 -0.36 18.77 -20.12
N HIS B 115 -0.07 17.73 -20.90
CA HIS B 115 0.47 17.88 -22.19
C HIS B 115 -0.14 16.93 -23.18
N HIS B 116 -1.37 16.45 -22.93
CA HIS B 116 -2.20 15.79 -23.94
C HIS B 116 -3.14 16.77 -24.72
N GLN B 117 -3.56 16.35 -25.91
CA GLN B 117 -4.41 17.15 -26.79
C GLN B 117 -5.73 17.28 -26.13
N PRO B 118 -6.47 18.42 -26.31
CA PRO B 118 -7.79 18.76 -25.71
C PRO B 118 -8.82 17.64 -25.51
N SER B 119 -8.85 16.71 -26.46
CA SER B 119 -9.69 15.50 -26.39
C SER B 119 -11.16 15.88 -26.54
N GLU B 120 -12.01 15.50 -25.58
CA GLU B 120 -13.46 15.59 -25.80
C GLU B 120 -14.21 16.25 -24.66
N SER B 121 -13.71 17.40 -24.18
CA SER B 121 -14.31 18.11 -23.03
C SER B 121 -13.74 19.54 -22.88
N GLU B 122 -14.57 20.52 -22.52
CA GLU B 122 -14.10 21.88 -22.21
C GLU B 122 -14.05 22.08 -20.67
N ALA B 123 -13.27 23.06 -20.25
CA ALA B 123 -12.90 23.30 -18.85
C ALA B 123 -13.62 24.51 -18.31
N GLY B 124 -13.97 24.45 -17.03
CA GLY B 124 -14.79 25.47 -16.38
C GLY B 124 -14.07 26.72 -15.88
N PRO B 125 -14.76 27.47 -15.01
CA PRO B 125 -14.56 28.83 -14.47
C PRO B 125 -13.21 29.02 -13.79
N HIS B 126 -13.12 28.60 -12.52
CA HIS B 126 -11.86 28.62 -11.78
C HIS B 126 -11.04 27.30 -11.97
N VAL B 127 -10.78 26.94 -13.25
CA VAL B 127 -9.86 25.86 -13.63
C VAL B 127 -8.67 26.50 -14.37
N VAL B 128 -7.49 26.34 -13.79
CA VAL B 128 -6.24 26.72 -14.44
C VAL B 128 -5.62 25.50 -15.10
N HIS B 129 -5.52 25.56 -16.44
CA HIS B 129 -5.07 24.48 -17.32
C HIS B 129 -3.83 24.95 -18.00
N ILE B 130 -2.71 24.26 -17.79
CA ILE B 130 -1.43 24.70 -18.30
C ILE B 130 -1.02 23.56 -19.15
N ASN B 131 -0.80 23.82 -20.42
CA ASN B 131 -0.65 22.75 -21.36
C ASN B 131 -0.02 23.29 -22.59
N PRO B 132 1.11 22.69 -23.01
CA PRO B 132 1.76 23.25 -24.18
C PRO B 132 0.89 23.31 -25.46
N HIS B 133 -0.05 22.37 -25.65
CA HIS B 133 -0.90 22.38 -26.87
C HIS B 133 -1.77 23.65 -26.91
N LEU B 134 -2.09 24.28 -25.77
CA LEU B 134 -2.87 25.50 -25.77
C LEU B 134 -2.14 26.78 -26.14
N HIS B 135 -0.79 26.72 -26.24
CA HIS B 135 0.01 27.90 -26.46
C HIS B 135 0.83 27.69 -27.70
N GLY B 136 0.25 27.00 -28.66
CA GLY B 136 0.93 26.68 -29.90
C GLY B 136 2.20 25.87 -29.80
N LEU B 137 2.39 25.12 -28.71
CA LEU B 137 3.55 24.26 -28.56
C LEU B 137 3.16 22.81 -28.66
N ASP B 138 4.15 21.96 -28.85
CA ASP B 138 3.89 20.55 -29.11
C ASP B 138 4.17 19.71 -27.86
N GLY B 139 3.12 19.15 -27.28
CA GLY B 139 3.27 18.33 -26.08
C GLY B 139 3.92 16.95 -26.26
N SER B 140 4.14 16.54 -27.50
CA SER B 140 4.79 15.28 -27.79
C SER B 140 6.33 15.41 -27.67
N ARG B 141 6.87 16.59 -27.93
CA ARG B 141 8.33 16.77 -27.93
C ARG B 141 8.89 17.90 -27.09
N ASP B 142 8.14 18.94 -26.83
CA ASP B 142 8.74 20.15 -26.36
C ASP B 142 8.42 20.41 -24.92
N LEU B 143 7.46 19.69 -24.34
CA LEU B 143 7.21 19.79 -22.92
C LEU B 143 6.36 18.59 -22.46
N SER B 144 6.58 18.15 -21.22
CA SER B 144 5.86 17.00 -20.64
C SER B 144 5.13 17.44 -19.39
N ALA B 145 4.46 16.55 -18.69
CA ALA B 145 3.70 16.94 -17.49
C ALA B 145 4.60 17.54 -16.39
N SER B 146 5.80 16.94 -16.26
CA SER B 146 6.78 17.42 -15.30
C SER B 146 7.19 18.86 -15.52
N GLY B 147 7.44 19.23 -16.76
CA GLY B 147 7.73 20.60 -17.10
C GLY B 147 6.58 21.61 -16.98
N THR B 148 5.34 21.15 -17.19
CA THR B 148 4.21 22.01 -17.00
C THR B 148 3.98 22.27 -15.52
N ALA B 149 4.28 21.25 -14.69
CA ALA B 149 4.21 21.39 -13.24
C ALA B 149 5.29 22.34 -12.75
N TYR B 150 6.49 22.22 -13.30
CA TYR B 150 7.56 23.21 -13.12
C TYR B 150 7.10 24.65 -13.56
N LEU B 151 6.59 24.82 -14.77
CA LEU B 151 6.01 26.17 -15.10
C LEU B 151 4.91 26.63 -14.10
N ALA B 152 4.12 25.71 -13.55
CA ALA B 152 3.08 26.03 -12.54
C ALA B 152 3.59 26.49 -11.16
N THR B 153 4.83 26.16 -10.84
CA THR B 153 5.41 26.36 -9.54
C THR B 153 6.77 27.03 -9.46
N ARG B 154 7.41 27.18 -10.60
CA ARG B 154 8.50 28.09 -10.86
C ARG B 154 8.61 29.35 -9.96
N LEU B 155 7.55 30.17 -9.91
CA LEU B 155 7.63 31.41 -9.08
C LEU B 155 7.78 31.11 -7.58
N LEU B 156 7.49 29.86 -7.16
CA LEU B 156 7.56 29.48 -5.78
C LEU B 156 8.82 28.74 -5.48
N ASN B 157 9.40 28.04 -6.45
CA ASN B 157 10.56 27.15 -6.22
C ASN B 157 11.21 26.85 -7.56
N ARG B 158 12.52 27.12 -7.64
CA ARG B 158 13.35 26.91 -8.85
C ARG B 158 14.18 25.64 -8.79
N LYS B 159 14.23 25.00 -7.63
CA LYS B 159 15.15 23.87 -7.44
C LYS B 159 14.57 22.54 -7.99
N THR B 160 13.32 22.55 -8.44
CA THR B 160 12.66 21.40 -9.04
C THR B 160 12.93 21.22 -10.52
N ALA B 161 13.57 22.19 -11.16
CA ALA B 161 13.84 22.10 -12.60
C ALA B 161 14.49 20.79 -13.05
N PRO B 162 15.53 20.34 -12.34
CA PRO B 162 16.07 19.03 -12.74
C PRO B 162 15.03 17.88 -12.76
N LEU B 163 14.23 17.75 -11.71
CA LEU B 163 13.12 16.84 -11.73
C LEU B 163 12.21 17.03 -12.89
N ALA B 164 12.00 18.27 -13.28
CA ALA B 164 11.15 18.49 -14.48
C ALA B 164 11.72 17.82 -15.71
N LEU B 165 13.03 17.94 -15.91
CA LEU B 165 13.66 17.31 -17.08
C LEU B 165 13.68 15.79 -17.03
N VAL B 166 13.68 15.25 -15.84
CA VAL B 166 13.54 13.80 -15.65
C VAL B 166 12.25 13.28 -16.27
N GLY B 167 11.14 13.98 -16.05
CA GLY B 167 9.90 13.62 -16.70
C GLY B 167 9.91 13.75 -18.23
N ALA B 168 10.59 14.79 -18.71
CA ALA B 168 10.82 14.98 -20.13
C ALA B 168 11.57 13.79 -20.77
N LEU B 169 12.62 13.30 -20.08
CA LEU B 169 13.36 12.10 -20.53
C LEU B 169 12.55 10.83 -20.47
N GLY B 170 11.67 10.73 -19.47
CA GLY B 170 10.72 9.63 -19.39
C GLY B 170 9.78 9.54 -20.60
N ASP B 171 9.29 10.70 -21.05
CA ASP B 171 8.43 10.81 -22.21
C ASP B 171 9.21 11.02 -23.52
N MET B 172 10.52 10.72 -23.54
CA MET B 172 11.31 10.53 -24.74
C MET B 172 11.42 11.81 -25.55
N GLN B 173 11.50 12.92 -24.83
CA GLN B 173 11.48 14.26 -25.39
C GLN B 173 12.90 14.82 -25.56
N TYR B 174 13.86 13.94 -25.67
CA TYR B 174 15.24 14.32 -25.90
C TYR B 174 15.62 13.70 -27.25
N THR B 175 15.70 14.52 -28.29
CA THR B 175 16.05 14.05 -29.65
C THR B 175 17.55 13.74 -29.68
N ASP B 176 18.33 14.67 -30.24
CA ASP B 176 19.75 14.75 -29.93
C ASP B 176 19.93 16.04 -29.12
N GLY B 177 18.93 16.39 -28.30
CA GLY B 177 18.81 17.68 -27.59
C GLY B 177 17.41 17.90 -26.98
N PHE B 178 17.34 18.71 -25.92
CA PHE B 178 16.07 19.21 -25.39
C PHE B 178 15.59 20.39 -26.25
N THR B 179 14.30 20.44 -26.60
CA THR B 179 13.77 21.49 -27.48
C THR B 179 12.65 22.31 -26.83
N GLY B 180 12.34 23.44 -27.46
CA GLY B 180 11.25 24.33 -27.04
C GLY B 180 11.29 24.62 -25.56
N ALA B 181 10.18 24.37 -24.91
CA ALA B 181 10.04 24.69 -23.51
C ALA B 181 11.03 23.87 -22.57
N ASN B 182 11.34 22.62 -22.91
CA ASN B 182 12.34 21.85 -22.18
C ASN B 182 13.72 22.49 -22.22
N ARG B 183 14.07 23.05 -23.38
CA ARG B 183 15.32 23.82 -23.52
C ARG B 183 15.26 25.01 -22.58
N PHE B 184 14.11 25.67 -22.49
CA PHE B 184 13.96 26.83 -21.62
C PHE B 184 14.11 26.48 -20.12
N ILE B 185 13.51 25.37 -19.72
CA ILE B 185 13.69 24.85 -18.38
C ILE B 185 15.19 24.48 -18.14
N MET B 186 15.80 23.76 -19.07
CA MET B 186 17.22 23.46 -18.92
C MET B 186 18.05 24.71 -18.67
N GLU B 187 17.92 25.68 -19.59
CA GLU B 187 18.68 26.95 -19.54
C GLU B 187 18.44 27.69 -18.24
N GLU B 188 17.17 27.69 -17.81
CA GLU B 188 16.79 28.25 -16.52
C GLU B 188 17.45 27.50 -15.33
N ALA B 189 17.45 26.17 -15.39
CA ALA B 189 18.04 25.36 -14.33
C ALA B 189 19.54 25.57 -14.22
N VAL B 190 20.19 25.65 -15.38
CA VAL B 190 21.60 25.86 -15.47
C VAL B 190 21.93 27.23 -14.90
N GLU B 191 21.20 28.28 -15.27
CA GLU B 191 21.50 29.63 -14.76
C GLU B 191 21.27 29.69 -13.23
N GLU B 192 20.48 28.76 -12.66
CA GLU B 192 20.30 28.61 -11.19
C GLU B 192 21.41 27.93 -10.38
N GLY B 193 22.17 27.03 -10.99
CA GLY B 193 23.14 26.25 -10.21
C GLY B 193 22.78 24.83 -9.94
N VAL B 194 21.47 24.51 -9.95
CA VAL B 194 20.93 23.15 -9.66
C VAL B 194 21.11 22.12 -10.77
N LEU B 195 21.50 22.56 -11.98
CA LEU B 195 21.71 21.66 -13.12
C LEU B 195 23.11 21.82 -13.78
N GLN B 196 23.82 20.72 -14.02
CA GLN B 196 25.02 20.77 -14.86
C GLN B 196 24.88 19.86 -16.07
N VAL B 197 25.53 20.27 -17.16
CA VAL B 197 25.48 19.58 -18.44
C VAL B 197 26.91 19.25 -18.88
N HIS B 198 27.22 18.01 -19.21
CA HIS B 198 28.54 17.73 -19.77
C HIS B 198 28.50 16.64 -20.82
N SER B 199 29.53 16.60 -21.62
CA SER B 199 29.58 15.68 -22.73
C SER B 199 30.23 14.40 -22.22
N ASP B 200 29.56 13.26 -22.43
CA ASP B 200 30.07 12.00 -21.93
C ASP B 200 29.44 10.82 -22.61
N LEU B 201 29.93 9.59 -22.36
CA LEU B 201 29.20 8.40 -22.78
C LEU B 201 27.92 8.29 -21.96
N LYS B 202 26.81 8.08 -22.64
CA LYS B 202 25.49 8.04 -22.01
C LYS B 202 25.10 6.60 -21.63
N LEU B 203 25.94 5.98 -20.87
CA LEU B 203 25.71 4.61 -20.45
C LEU B 203 24.81 4.60 -19.24
N ALA B 204 23.91 3.63 -19.15
CA ALA B 204 23.11 3.44 -17.91
C ALA B 204 23.93 3.12 -16.60
N SER B 205 23.58 3.82 -15.53
CA SER B 205 23.99 3.50 -14.19
C SER B 205 25.51 3.44 -14.08
N ARG B 206 26.17 4.46 -14.63
CA ARG B 206 27.62 4.62 -14.62
C ARG B 206 28.27 4.23 -13.25
N TYR B 207 27.72 4.76 -12.14
CA TYR B 207 28.38 4.72 -10.82
C TYR B 207 28.04 3.46 -10.05
N THR B 208 26.96 2.78 -10.40
CA THR B 208 26.52 1.67 -9.56
C THR B 208 26.48 0.34 -10.35
N GLU B 209 27.06 0.29 -11.53
CA GLU B 209 26.96 -0.93 -12.33
C GLU B 209 28.31 -1.31 -12.98
N PRO B 210 28.74 -2.58 -12.88
CA PRO B 210 29.91 -2.86 -13.73
C PRO B 210 29.66 -2.67 -15.24
N LEU B 211 30.75 -2.39 -15.95
CA LEU B 211 30.72 -1.93 -17.31
C LEU B 211 29.93 -2.80 -18.22
N TYR B 212 30.09 -4.11 -18.16
CA TYR B 212 29.37 -4.97 -19.08
C TYR B 212 27.83 -4.89 -18.85
N ARG B 213 27.42 -4.72 -17.60
CA ARG B 213 26.04 -4.64 -17.28
C ARG B 213 25.55 -3.24 -17.64
N SER B 214 26.38 -2.23 -17.45
CA SER B 214 26.00 -0.86 -17.78
C SER B 214 25.66 -0.73 -19.27
N ILE B 215 26.54 -1.30 -20.08
CA ILE B 215 26.34 -1.39 -21.49
C ILE B 215 25.06 -2.14 -21.84
N ALA B 216 24.87 -3.32 -21.29
CA ALA B 216 23.71 -4.12 -21.62
C ALA B 216 22.42 -3.49 -21.21
N TYR B 217 22.44 -2.66 -20.21
CA TYR B 217 21.27 -1.94 -19.76
C TYR B 217 21.08 -0.57 -20.39
N THR B 218 21.94 -0.22 -21.34
CA THR B 218 21.84 1.07 -22.02
C THR B 218 20.84 0.86 -23.19
N PHE B 219 19.59 1.17 -22.92
CA PHE B 219 18.49 0.96 -23.88
C PHE B 219 18.30 2.12 -24.86
N ASN B 220 18.71 3.30 -24.42
CA ASN B 220 18.57 4.53 -25.14
C ASN B 220 19.69 5.53 -24.75
N PRO B 221 20.66 5.83 -25.61
CA PRO B 221 20.63 5.46 -27.02
C PRO B 221 21.02 4.02 -27.16
N ALA B 222 20.38 3.36 -28.10
CA ALA B 222 20.54 1.95 -28.34
C ALA B 222 21.93 1.59 -28.89
N LEU B 223 22.28 0.33 -28.70
CA LEU B 223 23.60 -0.15 -28.99
C LEU B 223 23.44 -1.49 -29.62
N PRO B 224 23.17 -1.51 -30.95
CA PRO B 224 23.01 -2.75 -31.67
C PRO B 224 24.08 -3.80 -31.34
N GLY B 225 23.67 -5.05 -31.12
CA GLY B 225 24.52 -6.15 -30.69
C GLY B 225 24.86 -6.17 -29.21
N LEU B 226 24.66 -5.05 -28.48
CA LEU B 226 25.08 -5.02 -27.06
C LEU B 226 23.89 -4.86 -26.16
N THR B 227 23.06 -3.85 -26.44
CA THR B 227 21.89 -3.54 -25.65
C THR B 227 21.07 -4.78 -25.40
N GLY B 228 20.66 -4.99 -24.16
CA GLY B 228 19.92 -6.24 -23.85
C GLY B 228 20.74 -7.54 -23.86
N ASP B 229 22.06 -7.48 -24.07
CA ASP B 229 22.84 -8.71 -24.22
C ASP B 229 24.10 -8.73 -23.38
N MET B 230 23.90 -9.27 -22.18
CA MET B 230 24.92 -9.48 -21.17
C MET B 230 26.17 -10.16 -21.66
N GLU B 231 26.01 -11.33 -22.26
CA GLU B 231 27.15 -12.13 -22.72
C GLU B 231 27.90 -11.40 -23.87
N ALA B 232 27.17 -10.86 -24.83
CA ALA B 232 27.80 -10.07 -25.91
C ALA B 232 28.55 -8.79 -25.44
N SER B 233 28.02 -8.11 -24.40
CA SER B 233 28.67 -6.91 -23.90
C SER B 233 29.95 -7.24 -23.23
N MET B 234 29.93 -8.33 -22.46
CA MET B 234 31.12 -8.87 -21.86
C MET B 234 32.19 -9.24 -22.89
N GLY B 235 31.75 -9.98 -23.91
CA GLY B 235 32.62 -10.46 -25.00
C GLY B 235 33.15 -9.29 -25.81
N PHE B 236 32.29 -8.27 -26.00
CA PHE B 236 32.70 -7.02 -26.62
C PHE B 236 33.87 -6.37 -25.92
N LEU B 237 33.76 -6.25 -24.61
CA LEU B 237 34.77 -5.59 -23.83
C LEU B 237 36.12 -6.38 -23.79
N GLU B 238 36.05 -7.69 -23.73
CA GLU B 238 37.30 -8.54 -23.80
C GLU B 238 38.00 -8.33 -25.12
N ASN B 239 37.19 -8.33 -26.18
CA ASN B 239 37.70 -8.09 -27.53
C ASN B 239 38.48 -6.80 -27.69
N ILE B 240 38.00 -5.71 -27.11
CA ILE B 240 38.63 -4.42 -27.28
C ILE B 240 39.65 -4.09 -26.18
N GLY B 241 39.82 -5.01 -25.21
CA GLY B 241 40.82 -4.90 -24.16
C GLY B 241 40.39 -4.00 -23.05
N VAL B 242 39.10 -3.97 -22.75
CA VAL B 242 38.62 -3.07 -21.69
C VAL B 242 38.00 -3.90 -20.55
N SER B 243 38.40 -3.62 -19.31
CA SER B 243 37.87 -4.35 -18.16
C SER B 243 36.36 -4.34 -18.18
N TYR B 244 35.77 -5.50 -17.94
CA TYR B 244 34.29 -5.60 -17.88
C TYR B 244 33.69 -5.50 -16.50
N GLY B 245 34.50 -5.72 -15.48
CA GLY B 245 34.05 -5.87 -14.07
C GLY B 245 34.32 -4.63 -13.24
N VAL B 246 34.67 -3.53 -13.90
CA VAL B 246 34.90 -2.28 -13.21
C VAL B 246 33.86 -1.24 -13.66
N LYS B 247 33.59 -0.31 -12.77
CA LYS B 247 32.71 0.73 -13.06
C LYS B 247 33.48 1.73 -13.87
N TYR B 248 32.78 2.30 -14.86
CA TYR B 248 33.24 3.43 -15.72
C TYR B 248 34.24 4.44 -15.09
N PRO B 249 33.86 5.02 -13.94
CA PRO B 249 34.82 5.92 -13.32
C PRO B 249 36.09 5.26 -12.76
N ASP B 250 36.14 3.94 -12.58
CA ASP B 250 37.38 3.30 -12.15
C ASP B 250 38.24 2.77 -13.28
N LEU B 251 37.82 3.01 -14.51
CA LEU B 251 38.62 2.64 -15.65
C LEU B 251 39.85 3.51 -15.82
N SER B 252 40.93 2.93 -16.36
CA SER B 252 42.05 3.74 -16.74
C SER B 252 41.68 4.75 -17.84
N PRO B 253 42.53 5.78 -18.01
CA PRO B 253 42.33 6.76 -19.08
C PRO B 253 42.29 6.17 -20.48
N GLU B 254 43.26 5.32 -20.78
CA GLU B 254 43.37 4.62 -22.07
C GLU B 254 42.18 3.67 -22.33
N GLU B 255 41.69 2.97 -21.30
CA GLU B 255 40.50 2.13 -21.46
C GLU B 255 39.24 2.97 -21.77
N ARG B 256 39.12 4.10 -21.11
CA ARG B 256 37.99 5.01 -21.34
C ARG B 256 38.03 5.59 -22.82
N ASP B 257 39.23 5.92 -23.29
CA ASP B 257 39.46 6.30 -24.69
C ASP B 257 39.06 5.23 -25.72
N VAL B 258 39.58 4.04 -25.49
CA VAL B 258 39.24 2.90 -26.33
C VAL B 258 37.74 2.69 -26.34
N LEU B 259 37.12 2.79 -25.17
CA LEU B 259 35.69 2.46 -25.12
C LEU B 259 34.88 3.52 -25.86
N ARG B 260 35.29 4.77 -25.75
CA ARG B 260 34.58 5.88 -26.41
C ARG B 260 34.49 5.67 -27.92
N ASP B 261 35.67 5.46 -28.50
CA ASP B 261 35.85 5.16 -29.90
C ASP B 261 35.00 3.93 -30.31
N GLU B 262 35.07 2.82 -29.60
CA GLU B 262 34.41 1.63 -30.09
C GLU B 262 32.89 1.74 -30.03
N LEU B 263 32.38 2.31 -28.94
CA LEU B 263 30.95 2.49 -28.81
C LEU B 263 30.42 3.54 -29.81
N THR B 264 31.15 4.64 -29.95
CA THR B 264 30.83 5.66 -30.96
C THR B 264 30.71 5.04 -32.36
N ARG B 265 31.62 4.14 -32.70
CA ARG B 265 31.47 3.41 -33.95
C ARG B 265 30.13 2.63 -34.03
N ILE B 266 29.63 2.07 -32.93
CA ILE B 266 28.31 1.40 -32.92
C ILE B 266 27.14 2.42 -33.00
N ASN B 267 27.21 3.47 -32.19
CA ASN B 267 26.22 4.53 -32.31
C ASN B 267 26.84 5.85 -31.89
N PRO B 268 26.97 6.82 -32.81
CA PRO B 268 27.68 8.05 -32.40
C PRO B 268 26.91 8.86 -31.37
N GLU B 269 25.60 8.64 -31.27
CA GLU B 269 24.73 9.31 -30.28
C GLU B 269 25.01 8.82 -28.83
N ILE B 270 25.78 7.75 -28.66
CA ILE B 270 26.17 7.29 -27.31
C ILE B 270 27.01 8.34 -26.58
N PHE B 271 27.77 9.15 -27.31
CA PHE B 271 28.50 10.24 -26.69
C PHE B 271 27.63 11.46 -26.89
N GLY B 272 27.37 12.21 -25.84
CA GLY B 272 26.51 13.39 -25.93
C GLY B 272 26.32 14.05 -24.58
N GLU B 273 25.27 14.85 -24.48
CA GLU B 273 24.88 15.49 -23.27
C GLU B 273 24.42 14.51 -22.20
N VAL B 274 24.95 14.72 -21.00
CA VAL B 274 24.58 14.03 -19.75
C VAL B 274 24.22 15.13 -18.77
N PHE B 275 23.16 14.90 -18.01
CA PHE B 275 22.58 15.88 -17.11
C PHE B 275 22.65 15.42 -15.63
N THR B 276 23.22 16.25 -14.78
CA THR B 276 23.47 15.89 -13.40
C THR B 276 23.02 17.02 -12.50
N SER B 277 22.59 16.62 -11.31
CA SER B 277 22.14 17.55 -10.30
C SER B 277 22.65 17.13 -8.98
N ARG B 278 23.08 18.11 -8.19
CA ARG B 278 23.55 17.87 -6.83
C ARG B 278 22.68 16.83 -6.08
N GLU B 279 21.36 17.00 -6.08
CA GLU B 279 20.47 16.12 -5.32
C GLU B 279 20.57 14.66 -5.78
N PHE B 280 20.80 14.44 -7.07
CA PHE B 280 20.85 13.07 -7.62
C PHE B 280 22.26 12.56 -7.89
N ARG B 281 23.27 13.42 -7.77
CA ARG B 281 24.67 13.07 -8.10
C ARG B 281 25.22 11.86 -7.34
N ASN B 282 24.50 11.38 -6.33
CA ASN B 282 24.81 10.12 -5.64
C ASN B 282 23.91 8.94 -6.06
N ILE B 283 23.12 9.12 -7.12
CA ILE B 283 22.41 8.01 -7.77
C ILE B 283 22.77 7.90 -9.28
N GLY B 284 22.95 9.02 -9.94
CA GLY B 284 23.12 8.98 -11.38
C GLY B 284 22.70 10.24 -12.10
N ASP B 285 22.68 10.13 -13.41
CA ASP B 285 22.28 11.27 -14.24
C ASP B 285 20.73 11.30 -14.33
N LEU B 286 20.19 12.39 -14.88
CA LEU B 286 18.71 12.54 -14.95
C LEU B 286 18.04 11.38 -15.71
N SER B 287 18.71 10.82 -16.71
CA SER B 287 18.12 9.67 -17.35
C SER B 287 18.18 8.39 -16.48
N ASP B 288 19.16 8.26 -15.57
CA ASP B 288 19.15 7.15 -14.59
C ASP B 288 17.90 7.31 -13.69
N ILE B 289 17.62 8.53 -13.31
CA ILE B 289 16.52 8.82 -12.39
C ILE B 289 15.24 8.44 -13.07
N ALA B 290 15.09 8.83 -14.34
CA ALA B 290 13.90 8.48 -15.10
C ALA B 290 13.73 6.97 -15.21
N GLY B 291 14.84 6.26 -15.44
CA GLY B 291 14.83 4.79 -15.41
C GLY B 291 14.38 4.20 -14.06
N VAL B 292 14.86 4.77 -12.97
CA VAL B 292 14.46 4.30 -11.63
C VAL B 292 13.00 4.61 -11.36
N LEU B 293 12.58 5.82 -11.69
CA LEU B 293 11.15 6.15 -11.54
C LEU B 293 10.30 5.23 -12.41
N ASP B 294 10.72 4.97 -13.65
CA ASP B 294 9.96 4.06 -14.50
C ASP B 294 9.81 2.64 -13.88
N ALA B 295 10.84 2.17 -13.18
CA ALA B 295 10.80 0.85 -12.53
C ALA B 295 9.83 0.85 -11.34
N CYS B 296 9.81 1.95 -10.60
CA CYS B 296 8.87 2.07 -9.46
C CYS B 296 7.43 2.02 -9.92
N GLY B 297 7.15 2.76 -10.98
CA GLY B 297 5.79 2.85 -11.56
C GLY B 297 5.30 1.54 -12.18
N LYS B 298 6.20 0.84 -12.87
CA LYS B 298 5.89 -0.49 -13.35
C LYS B 298 5.61 -1.45 -12.17
N ASN B 299 6.33 -1.36 -11.06
CA ASN B 299 5.98 -2.21 -9.89
C ASN B 299 4.84 -1.78 -8.99
N ARG B 300 4.22 -0.63 -9.30
CA ARG B 300 3.11 -0.03 -8.60
C ARG B 300 3.50 0.30 -7.12
N LYS B 301 4.81 0.60 -7.11
CA LYS B 301 5.55 1.00 -5.91
C LYS B 301 5.67 2.48 -5.92
N TYR B 302 4.54 3.14 -5.73
CA TYR B 302 4.51 4.62 -5.81
C TYR B 302 5.09 5.35 -4.62
N GLY B 303 5.04 4.78 -3.42
CA GLY B 303 5.70 5.43 -2.26
C GLY B 303 7.23 5.59 -2.46
N ILE B 304 7.88 4.59 -3.07
CA ILE B 304 9.33 4.62 -3.32
C ILE B 304 9.69 5.65 -4.39
N GLY B 305 9.01 5.61 -5.53
CA GLY B 305 9.23 6.58 -6.61
C GLY B 305 8.99 8.04 -6.20
N ILE B 306 7.91 8.28 -5.47
CA ILE B 306 7.65 9.61 -4.91
C ILE B 306 8.71 9.93 -3.89
N GLY B 307 9.08 8.91 -3.11
CA GLY B 307 10.13 9.08 -2.15
C GLY B 307 11.44 9.56 -2.73
N LEU B 308 11.98 8.87 -3.73
CA LEU B 308 13.21 9.30 -4.41
C LEU B 308 13.14 10.80 -4.93
N CYS B 309 12.01 11.20 -5.52
CA CYS B 309 11.79 12.60 -5.90
C CYS B 309 11.92 13.64 -4.78
N LEU B 310 11.40 13.35 -3.59
CA LEU B 310 11.42 14.32 -2.48
C LEU B 310 12.75 14.43 -1.77
N GLY B 311 13.62 13.44 -1.95
CA GLY B 311 14.97 13.45 -1.36
C GLY B 311 15.30 12.38 -0.33
N GLU B 312 14.42 11.40 -0.14
CA GLU B 312 14.69 10.28 0.75
C GLU B 312 15.84 9.51 0.09
N ARG B 313 16.77 9.02 0.89
CA ARG B 313 18.01 8.46 0.31
C ARG B 313 18.55 7.16 0.92
N GLU B 314 18.23 6.83 2.17
CA GLU B 314 18.94 5.74 2.90
C GLU B 314 18.57 4.33 2.37
N GLY B 315 17.89 3.51 3.18
CA GLY B 315 17.48 2.17 2.76
C GLY B 315 16.52 2.14 1.56
N ALA B 316 15.83 3.26 1.34
CA ALA B 316 14.97 3.49 0.18
C ALA B 316 15.67 3.39 -1.18
N LEU B 317 16.87 3.97 -1.30
CA LEU B 317 17.60 3.89 -2.57
C LEU B 317 17.90 2.44 -2.90
N ASP B 318 18.40 1.70 -1.90
CA ASP B 318 18.77 0.30 -2.11
C ASP B 318 17.60 -0.53 -2.67
N VAL B 319 16.40 -0.23 -2.20
CA VAL B 319 15.17 -0.88 -2.65
C VAL B 319 14.84 -0.46 -4.06
N ALA B 320 14.80 0.85 -4.30
CA ALA B 320 14.66 1.41 -5.67
C ALA B 320 15.67 0.84 -6.68
N LEU B 321 16.94 0.72 -6.29
CA LEU B 321 17.96 0.16 -7.19
C LEU B 321 17.74 -1.30 -7.45
N GLU B 322 17.20 -2.01 -6.46
CA GLU B 322 16.88 -3.43 -6.63
C GLU B 322 15.68 -3.63 -7.56
N LEU B 323 14.65 -2.75 -7.46
CA LEU B 323 13.50 -2.72 -8.41
C LEU B 323 13.97 -2.44 -9.82
N GLN B 324 14.82 -1.43 -10.01
CA GLN B 324 15.41 -1.17 -11.31
C GLN B 324 16.10 -2.45 -11.85
N LYS B 325 16.96 -3.04 -11.02
CA LYS B 325 17.62 -4.31 -11.36
C LYS B 325 16.61 -5.35 -11.86
N ASN B 326 15.56 -5.60 -11.07
CA ASN B 326 14.44 -6.47 -11.46
C ASN B 326 13.72 -6.04 -12.73
N TYR B 327 13.46 -4.75 -12.87
CA TYR B 327 12.79 -4.21 -14.03
C TYR B 327 13.65 -4.41 -15.32
N ARG B 328 14.94 -4.13 -15.22
CA ARG B 328 15.80 -4.33 -16.38
C ARG B 328 15.93 -5.79 -16.81
N GLU B 329 15.92 -6.72 -15.87
CA GLU B 329 15.97 -8.18 -16.17
C GLU B 329 14.73 -8.63 -16.92
N GLU B 330 13.59 -7.99 -16.68
CA GLU B 330 12.38 -8.20 -17.49
C GLU B 330 12.54 -7.51 -18.85
N LEU B 331 13.13 -6.31 -18.91
CA LEU B 331 13.45 -5.73 -20.23
C LEU B 331 14.38 -6.60 -21.11
N VAL B 332 15.44 -7.13 -20.51
CA VAL B 332 16.41 -7.98 -21.23
C VAL B 332 15.64 -9.14 -21.81
N LYS B 333 14.90 -9.85 -20.95
CA LYS B 333 14.08 -11.04 -21.33
C LYS B 333 12.96 -10.70 -22.35
N GLY B 334 12.40 -9.50 -22.25
CA GLY B 334 11.40 -9.05 -23.23
C GLY B 334 11.97 -8.83 -24.63
N LEU B 335 13.14 -8.20 -24.67
CA LEU B 335 13.83 -7.96 -25.91
C LEU B 335 14.33 -9.25 -26.53
N ALA B 336 14.90 -10.17 -25.75
CA ALA B 336 15.34 -11.46 -26.34
C ALA B 336 14.14 -12.17 -26.98
N TRP B 337 13.02 -12.18 -26.27
CA TRP B 337 11.77 -12.71 -26.79
C TRP B 337 11.38 -12.03 -28.11
N ILE B 338 11.37 -10.70 -28.15
CA ILE B 338 11.08 -10.00 -29.42
C ILE B 338 12.00 -10.49 -30.55
N ARG B 339 13.28 -10.72 -30.27
CA ARG B 339 14.19 -11.32 -31.26
C ARG B 339 13.85 -12.76 -31.59
N ARG B 340 13.34 -13.54 -30.64
CA ARG B 340 12.81 -14.89 -30.97
C ARG B 340 11.56 -14.80 -31.85
N GLU B 341 10.33 -14.85 -31.30
CA GLU B 341 9.09 -14.79 -32.12
C GLU B 341 9.10 -13.42 -32.70
N GLY B 342 8.61 -13.25 -33.91
CA GLY B 342 8.76 -11.96 -34.59
C GLY B 342 7.69 -10.95 -34.20
N SER B 343 7.21 -10.21 -35.18
CA SER B 343 5.96 -9.50 -35.06
C SER B 343 5.09 -9.83 -36.26
N THR B 344 3.80 -9.56 -36.11
CA THR B 344 2.82 -9.88 -37.11
C THR B 344 2.32 -8.57 -37.78
N THR B 345 2.74 -8.35 -39.02
CA THR B 345 2.45 -7.15 -39.77
C THR B 345 1.09 -7.30 -40.43
N LEU B 346 0.21 -6.32 -40.17
CA LEU B 346 -1.03 -6.16 -40.91
C LEU B 346 -0.74 -5.08 -41.94
N GLU B 347 -1.74 -4.28 -42.29
CA GLU B 347 -1.62 -3.34 -43.40
C GLU B 347 -0.89 -2.07 -42.98
N ASN B 348 -1.44 -1.40 -41.97
CA ASN B 348 -0.97 -0.12 -41.44
C ASN B 348 -0.27 -0.17 -40.06
N LEU B 349 -0.19 -1.37 -39.47
CA LEU B 349 0.57 -1.58 -38.25
C LEU B 349 1.18 -2.98 -38.20
N GLN B 350 2.01 -3.16 -37.18
CA GLN B 350 2.46 -4.46 -36.67
C GLN B 350 2.06 -4.58 -35.20
N TYR B 351 1.89 -5.81 -34.72
CA TYR B 351 1.75 -6.06 -33.29
C TYR B 351 2.65 -7.19 -32.78
N ILE B 352 2.63 -7.36 -31.45
CA ILE B 352 3.36 -8.42 -30.73
C ILE B 352 2.57 -8.63 -29.43
N TYR B 353 2.26 -9.88 -29.07
CA TYR B 353 1.40 -10.22 -27.93
C TYR B 353 2.02 -11.32 -27.11
N SER B 354 1.95 -11.20 -25.78
CA SER B 354 2.51 -12.20 -24.86
C SER B 354 1.68 -12.26 -23.56
N GLU B 355 1.18 -13.44 -23.23
CA GLU B 355 0.36 -13.63 -22.02
C GLU B 355 1.23 -13.82 -20.79
N ASP B 356 2.52 -14.13 -21.00
CA ASP B 356 3.50 -14.29 -19.92
C ASP B 356 3.46 -13.05 -18.96
N LYS B 357 3.23 -13.30 -17.67
CA LYS B 357 3.00 -12.24 -16.67
C LYS B 357 4.29 -11.55 -16.20
N ALA B 358 5.44 -12.14 -16.52
CA ALA B 358 6.74 -11.49 -16.30
C ALA B 358 7.10 -10.42 -17.37
N PHE B 359 6.26 -10.26 -18.39
CA PHE B 359 6.36 -9.16 -19.36
C PHE B 359 5.11 -8.26 -19.29
N LYS B 360 4.54 -8.11 -18.09
CA LYS B 360 3.20 -7.52 -17.93
C LYS B 360 3.15 -5.99 -18.15
N GLY B 361 3.60 -5.21 -17.18
CA GLY B 361 3.55 -3.76 -17.31
C GLY B 361 4.55 -3.15 -18.30
N ILE B 362 5.40 -3.99 -18.91
CA ILE B 362 6.65 -3.52 -19.55
C ILE B 362 6.58 -3.39 -21.07
N MET B 363 5.38 -3.48 -21.61
CA MET B 363 5.22 -3.85 -23.02
C MET B 363 5.52 -2.62 -23.93
N GLY B 364 5.07 -1.47 -23.44
CA GLY B 364 5.30 -0.21 -24.13
C GLY B 364 6.76 0.15 -24.24
N THR B 365 7.47 -0.14 -23.18
CA THR B 365 8.88 0.15 -23.14
C THR B 365 9.68 -0.74 -24.10
N ILE B 366 9.45 -2.04 -24.10
CA ILE B 366 10.16 -2.90 -25.04
C ILE B 366 9.70 -2.68 -26.46
N ALA B 367 8.43 -2.34 -26.65
CA ALA B 367 7.95 -1.84 -27.94
C ALA B 367 8.84 -0.74 -28.42
N SER B 368 8.98 0.33 -27.62
CA SER B 368 9.83 1.47 -27.99
C SER B 368 11.26 1.07 -28.25
N ILE B 369 11.79 0.20 -27.40
CA ILE B 369 13.21 -0.16 -27.49
C ILE B 369 13.49 -1.04 -28.72
N SER B 370 12.59 -1.96 -29.00
CA SER B 370 12.68 -2.76 -30.24
C SER B 370 12.64 -1.88 -31.54
N LEU B 371 11.89 -0.79 -31.49
CA LEU B 371 11.83 0.14 -32.60
C LEU B 371 13.11 0.98 -32.70
N SER B 372 13.65 1.37 -31.56
CA SER B 372 14.90 2.11 -31.59
C SER B 372 16.07 1.23 -32.08
N LEU B 373 16.10 -0.02 -31.65
CA LEU B 373 17.10 -1.01 -32.14
C LEU B 373 16.86 -1.37 -33.61
N LYS B 374 15.64 -1.14 -34.09
CA LYS B 374 15.16 -1.56 -35.42
C LYS B 374 15.17 -3.08 -35.52
N ILE B 375 14.82 -3.74 -34.42
CA ILE B 375 14.57 -5.18 -34.40
C ILE B 375 13.31 -5.40 -35.17
N LEU B 376 12.36 -4.48 -34.99
CA LEU B 376 11.14 -4.42 -35.77
C LEU B 376 11.18 -3.15 -36.58
N ASP B 377 10.26 -3.05 -37.55
CA ASP B 377 10.25 -1.97 -38.54
C ASP B 377 9.87 -0.70 -37.80
N PRO B 378 10.82 0.26 -37.69
CA PRO B 378 10.51 1.48 -36.96
C PRO B 378 9.44 2.34 -37.65
N ASP B 379 9.25 2.14 -38.97
CA ASP B 379 8.45 3.05 -39.81
C ASP B 379 6.97 2.66 -39.79
N ILE B 380 6.66 1.51 -39.19
CA ILE B 380 5.32 0.98 -39.13
C ILE B 380 4.91 0.96 -37.66
N PRO B 381 3.77 1.63 -37.31
CA PRO B 381 3.34 1.69 -35.90
C PRO B 381 3.20 0.32 -35.27
N LEU B 382 3.57 0.20 -33.99
CA LEU B 382 3.62 -1.10 -33.29
C LEU B 382 2.73 -1.12 -32.08
N LEU B 383 1.89 -2.12 -31.96
CA LEU B 383 1.08 -2.33 -30.77
C LEU B 383 1.65 -3.52 -29.96
N GLY B 384 1.75 -3.29 -28.65
CA GLY B 384 2.20 -4.30 -27.72
C GLY B 384 1.01 -4.60 -26.89
N LEU B 385 0.85 -5.88 -26.53
CA LEU B 385 -0.39 -6.42 -25.99
C LEU B 385 -0.11 -7.44 -24.88
N SER B 386 -0.78 -7.21 -23.76
CA SER B 386 -0.52 -7.88 -22.51
C SER B 386 -1.84 -8.50 -22.10
N ARG B 387 -1.83 -9.84 -21.95
CA ARG B 387 -2.98 -10.60 -21.43
C ARG B 387 -3.20 -10.26 -19.96
N MET B 388 -4.20 -9.43 -19.66
CA MET B 388 -4.52 -9.04 -18.28
C MET B 388 -5.95 -9.48 -17.96
N ASP B 389 -6.09 -10.58 -17.22
CA ASP B 389 -7.41 -11.10 -16.78
C ASP B 389 -8.25 -11.56 -18.00
N GLN B 390 -9.51 -11.15 -18.04
CA GLN B 390 -10.33 -11.22 -19.26
C GLN B 390 -10.06 -10.04 -20.24
N HIS B 391 -9.07 -9.17 -19.92
CA HIS B 391 -8.70 -7.97 -20.74
C HIS B 391 -7.33 -8.05 -21.47
N VAL B 392 -7.23 -7.21 -22.51
CA VAL B 392 -6.01 -6.92 -23.25
C VAL B 392 -5.58 -5.53 -22.83
N LYS B 393 -4.30 -5.34 -22.51
CA LYS B 393 -3.72 -4.00 -22.20
C LYS B 393 -2.89 -3.59 -23.40
N VAL B 394 -3.22 -2.49 -24.03
CA VAL B 394 -2.54 -2.10 -25.27
C VAL B 394 -1.49 -1.00 -25.07
N SER B 395 -0.38 -1.10 -25.79
CA SER B 395 0.69 -0.10 -25.67
C SER B 395 1.20 0.13 -27.02
N ALA B 396 1.01 1.33 -27.54
CA ALA B 396 1.38 1.58 -28.91
C ALA B 396 2.49 2.61 -28.95
N ARG B 397 3.44 2.41 -29.87
CA ARG B 397 4.58 3.30 -30.01
C ARG B 397 4.92 3.36 -31.47
N THR B 398 5.39 4.50 -31.96
CA THR B 398 5.86 4.61 -33.36
C THR B 398 6.95 5.68 -33.44
N THR B 399 7.41 6.03 -34.63
CA THR B 399 8.46 7.02 -34.81
C THR B 399 7.98 8.26 -35.57
N ARG B 400 8.78 9.33 -35.41
CA ARG B 400 8.53 10.66 -35.99
C ARG B 400 8.03 10.60 -37.46
N PRO B 401 8.76 9.94 -38.38
CA PRO B 401 8.29 9.75 -39.77
C PRO B 401 6.87 9.20 -39.96
N ALA B 402 6.40 8.35 -39.06
CA ALA B 402 5.02 7.85 -39.11
C ALA B 402 4.03 8.94 -38.68
N VAL B 403 4.42 9.71 -37.66
CA VAL B 403 3.67 10.87 -37.23
C VAL B 403 3.55 11.90 -38.36
N GLU B 404 4.62 12.08 -39.15
CA GLU B 404 4.57 12.96 -40.33
C GLU B 404 3.49 12.53 -41.33
N ARG B 405 3.46 11.25 -41.64
CA ARG B 405 2.45 10.70 -42.54
C ARG B 405 1.04 10.69 -41.91
N GLY B 406 0.86 11.32 -40.75
CA GLY B 406 -0.46 11.56 -40.16
C GLY B 406 -0.89 10.58 -39.08
N VAL B 407 0.01 9.73 -38.62
CA VAL B 407 -0.33 8.79 -37.58
C VAL B 407 -0.50 9.52 -36.27
N ASN B 408 -1.66 9.34 -35.66
CA ASN B 408 -1.91 9.78 -34.30
C ASN B 408 -2.41 8.61 -33.50
N LEU B 409 -1.54 8.05 -32.66
CA LEU B 409 -1.91 6.84 -31.95
C LEU B 409 -2.98 7.09 -30.91
N GLY B 410 -2.95 8.25 -30.27
CA GLY B 410 -3.86 8.54 -29.15
C GLY B 410 -5.31 8.54 -29.61
N VAL B 411 -5.56 9.25 -30.71
CA VAL B 411 -6.89 9.29 -31.37
C VAL B 411 -7.26 7.88 -31.81
N ALA B 412 -6.36 7.22 -32.52
CA ALA B 412 -6.63 5.89 -33.05
C ALA B 412 -6.95 4.84 -31.97
N LEU B 413 -6.22 4.86 -30.85
CA LEU B 413 -6.43 3.91 -29.77
C LEU B 413 -7.73 4.17 -28.99
N ARG B 414 -8.04 5.44 -28.74
CA ARG B 414 -9.21 5.79 -27.93
C ARG B 414 -10.50 5.32 -28.64
N ASP B 415 -10.68 5.81 -29.87
CA ASP B 415 -11.88 5.49 -30.66
C ASP B 415 -12.01 3.99 -30.85
N ALA B 416 -10.96 3.35 -31.37
CA ALA B 416 -10.95 1.90 -31.57
C ALA B 416 -11.36 1.18 -30.29
N ALA B 417 -10.92 1.70 -29.14
CA ALA B 417 -11.26 1.13 -27.83
C ALA B 417 -12.74 1.30 -27.42
N ALA B 418 -13.28 2.52 -27.59
CA ALA B 418 -14.73 2.79 -27.37
C ALA B 418 -15.62 1.74 -28.05
N SER B 419 -15.16 1.26 -29.20
CA SER B 419 -15.81 0.21 -29.99
C SER B 419 -15.95 -1.13 -29.31
N PHE B 420 -14.98 -1.57 -28.51
CA PHE B 420 -15.10 -2.86 -27.77
C PHE B 420 -15.56 -2.70 -26.31
N GLY B 421 -16.12 -1.53 -25.97
CA GLY B 421 -16.54 -1.19 -24.60
C GLY B 421 -15.45 -0.51 -23.78
N GLY B 422 -14.28 -0.28 -24.38
CA GLY B 422 -13.05 0.08 -23.63
C GLY B 422 -12.59 1.54 -23.68
N THR B 423 -11.54 1.82 -22.90
CA THR B 423 -10.93 3.16 -22.70
C THR B 423 -9.51 3.24 -23.30
N GLY B 424 -9.14 4.41 -23.83
CA GLY B 424 -7.86 4.62 -24.50
C GLY B 424 -7.55 6.10 -24.64
N GLY B 425 -6.32 6.41 -25.05
CA GLY B 425 -5.78 7.80 -24.99
C GLY B 425 -4.24 7.87 -25.07
N GLY B 426 -3.73 9.09 -25.21
CA GLY B 426 -2.28 9.36 -25.20
C GLY B 426 -1.88 10.43 -26.18
N HIS B 427 -0.71 10.30 -26.82
CA HIS B 427 -0.24 11.27 -27.82
C HIS B 427 -0.20 10.67 -29.22
N ASP B 428 0.19 11.50 -30.17
CA ASP B 428 0.36 11.07 -31.56
C ASP B 428 1.38 9.94 -31.72
N ILE B 429 2.51 10.07 -31.00
CA ILE B 429 3.63 9.14 -31.16
C ILE B 429 3.52 7.90 -30.27
N ALA B 430 2.57 7.85 -29.32
CA ALA B 430 2.63 6.91 -28.21
C ALA B 430 1.36 7.00 -27.36
N ALA B 431 0.76 5.86 -27.03
CA ALA B 431 -0.59 5.81 -26.43
C ALA B 431 -0.91 4.41 -25.94
N GLY B 432 -1.76 4.33 -24.93
CA GLY B 432 -2.23 3.06 -24.38
C GLY B 432 -3.75 2.87 -24.46
N ALA B 433 -4.19 1.68 -24.13
CA ALA B 433 -5.61 1.35 -24.14
C ALA B 433 -5.88 0.00 -23.44
N MET B 434 -7.15 -0.23 -23.09
CA MET B 434 -7.62 -1.44 -22.39
C MET B 434 -8.94 -1.95 -23.04
N VAL B 435 -8.99 -3.23 -23.45
CA VAL B 435 -10.19 -3.81 -24.12
C VAL B 435 -10.40 -5.28 -23.65
N PRO B 436 -11.54 -5.94 -24.00
CA PRO B 436 -11.69 -7.40 -23.70
C PRO B 436 -10.77 -8.36 -24.49
N TYR B 437 -10.43 -9.51 -23.89
CA TYR B 437 -9.62 -10.57 -24.56
C TYR B 437 -10.34 -11.11 -25.79
N ARG B 438 -11.68 -11.22 -25.67
CA ARG B 438 -12.57 -11.61 -26.76
C ARG B 438 -12.48 -10.71 -28.01
N ASP B 439 -12.51 -9.37 -27.84
CA ASP B 439 -12.53 -8.42 -28.99
C ASP B 439 -11.11 -8.02 -29.53
N MET B 440 -10.10 -8.90 -29.38
CA MET B 440 -8.68 -8.54 -29.63
C MET B 440 -8.31 -8.51 -31.13
N GLU B 441 -8.54 -9.64 -31.83
CA GLU B 441 -8.37 -9.73 -33.32
C GLU B 441 -9.11 -8.58 -34.02
N SER B 442 -10.39 -8.40 -33.69
CA SER B 442 -11.25 -7.31 -34.18
C SER B 442 -10.71 -5.92 -33.88
N PHE B 443 -10.25 -5.72 -32.64
CA PHE B 443 -9.68 -4.41 -32.25
C PHE B 443 -8.44 -4.08 -33.09
N LEU B 444 -7.50 -5.01 -33.16
CA LEU B 444 -6.28 -4.78 -33.93
C LEU B 444 -6.64 -4.39 -35.38
N GLN B 445 -7.51 -5.18 -36.01
CA GLN B 445 -7.98 -4.91 -37.37
C GLN B 445 -8.57 -3.48 -37.46
N LEU B 446 -9.42 -3.10 -36.50
CA LEU B 446 -10.05 -1.76 -36.52
C LEU B 446 -8.98 -0.68 -36.52
N VAL B 447 -8.08 -0.78 -35.55
CA VAL B 447 -7.00 0.20 -35.42
C VAL B 447 -6.28 0.31 -36.77
N ASP B 448 -6.04 -0.89 -37.33
CA ASP B 448 -5.34 -1.05 -38.61
C ASP B 448 -6.02 -0.26 -39.72
N GLU B 449 -7.35 -0.30 -39.75
CA GLU B 449 -8.14 0.55 -40.67
C GLU B 449 -7.99 2.06 -40.37
N ILE B 450 -8.15 2.46 -39.13
CA ILE B 450 -8.13 3.91 -38.78
C ILE B 450 -6.77 4.59 -39.10
N LEU B 451 -5.67 3.85 -38.93
CA LEU B 451 -4.36 4.33 -39.33
C LEU B 451 -4.37 4.53 -40.84
N GLY B 452 -4.98 3.56 -41.54
CA GLY B 452 -5.38 3.71 -42.96
C GLY B 452 -6.09 5.03 -43.20
N THR B 453 -7.22 5.25 -42.56
CA THR B 453 -7.86 6.58 -42.64
C THR B 453 -6.84 7.73 -42.56
N GLN B 454 -6.02 7.72 -41.49
CA GLN B 454 -5.13 8.85 -41.13
C GLN B 454 -3.93 9.21 -42.05
N THR B 455 -3.44 8.24 -42.84
CA THR B 455 -2.23 8.46 -43.68
C THR B 455 -2.55 8.92 -45.13
MN MN C . -9.66 -13.26 16.95
MN MN D . -12.42 -11.48 17.58
N1 CTP E . -9.50 -6.41 14.15
C2 CTP E . -9.61 -5.00 13.93
N3 CTP E . -10.78 -4.37 14.11
C4 CTP E . -11.83 -5.07 14.53
C5 CTP E . -11.77 -6.43 14.76
C6 CTP E . -10.58 -7.08 14.56
O2 CTP E . -8.64 -4.33 13.49
N4 CTP E . -13.01 -4.47 14.75
C1' CTP E . -8.28 -7.20 13.93
C2' CTP E . -7.67 -7.67 15.24
O2' CTP E . -6.31 -7.32 15.32
C3' CTP E . -7.79 -9.19 15.30
C4' CTP E . -8.00 -9.55 13.83
O4' CTP E . -8.63 -8.40 13.19
O3' CTP E . -6.69 -9.91 15.94
C5' CTP E . -8.80 -10.85 13.78
O5' CTP E . -10.04 -10.69 14.49
PA CTP E . -11.15 -11.84 14.50
O1A CTP E . -12.30 -11.34 15.38
O2A CTP E . -10.45 -13.15 14.90
O3A CTP E . -11.70 -12.01 12.99
N NO3 F . -17.02 4.37 27.98
O1 NO3 F . -18.09 3.80 27.72
O2 NO3 F . -15.89 4.09 27.18
O3 NO3 F . -16.91 5.31 29.03
N NO3 G . -2.83 -24.68 25.92
O1 NO3 G . -3.95 -24.75 25.42
O2 NO3 G . -1.83 -25.62 25.58
O3 NO3 G . -2.53 -23.66 26.84
N NO3 H . 2.55 22.70 30.58
O1 NO3 H . 1.84 21.71 30.59
O2 NO3 H . 2.61 23.46 31.76
O3 NO3 H . 3.26 23.01 29.41
N NO3 I . -28.37 -18.74 14.03
O1 NO3 I . -29.39 -18.23 13.59
O2 NO3 I . -28.38 -19.60 15.13
O3 NO3 I . -27.14 -18.47 13.39
O2 PEG J . -5.11 -28.65 21.62
C3 PEG J . -4.89 -29.13 20.30
C4 PEG J . -5.87 -30.24 19.98
O4 PEG J . -5.14 -31.43 19.70
C1 PEG K . -5.61 3.63 -10.57
O1 PEG K . -5.58 3.39 -11.99
C2 PEG K . -4.45 2.93 -9.86
O2 PEG K . -3.87 3.61 -8.73
C3 PEG K . -4.53 3.98 -7.46
C4 PEG K . -3.54 5.01 -6.85
O4 PEG K . -3.66 5.55 -5.54
C1 PEG L . -4.57 -28.66 27.76
O1 PEG L . -5.88 -28.08 27.95
C2 PEG L . -3.98 -28.22 26.43
O2 PEG L . -3.59 -29.30 25.56
C3 PEG L . -4.62 -29.99 24.84
C4 PEG L . -3.99 -30.60 23.61
O4 PEG L . -5.02 -31.14 22.77
MN MN M . 3.51 12.45 -19.96
MN MN N . 2.53 9.71 -18.23
N1 CTP O . 5.98 8.02 -24.40
C2 CTP O . 6.84 7.90 -25.51
N3 CTP O . 7.12 8.99 -26.24
C4 CTP O . 6.56 10.20 -25.94
C5 CTP O . 5.71 10.34 -24.86
C6 CTP O . 5.42 9.20 -24.10
O2 CTP O . 7.35 6.79 -25.83
N4 CTP O . 6.85 11.32 -26.68
C1' CTP O . 5.62 6.86 -23.60
C2' CTP O . 6.23 6.90 -22.22
O2' CTP O . 6.82 5.62 -21.89
C3' CTP O . 5.04 7.10 -21.31
C4' CTP O . 3.81 6.67 -22.09
O4' CTP O . 4.17 6.77 -23.47
O3' CTP O . 5.20 6.33 -20.14
C5' CTP O . 2.58 7.53 -21.77
O5' CTP O . 2.78 8.97 -21.87
PA CTP O . 1.59 9.87 -21.21
O1A CTP O . 1.24 9.28 -19.84
O2A CTP O . 2.08 11.31 -21.30
O3A CTP O . 0.33 9.67 -22.24
N NO3 P . 5.84 36.54 -26.75
O1 NO3 P . 5.18 35.52 -26.63
O2 NO3 P . 7.04 36.48 -27.53
O3 NO3 P . 5.42 37.74 -26.11
N NO3 Q . 29.53 -5.28 -31.72
O1 NO3 Q . 30.31 -4.61 -32.42
O2 NO3 Q . 28.08 -5.11 -31.75
O3 NO3 Q . 30.13 -6.26 -30.89
C1 PEG R . -7.02 5.90 -4.50
O1 PEG R . -6.24 5.70 -5.67
C2 PEG R . -6.74 7.32 -4.01
O2 PEG R . -7.82 7.87 -3.30
C3 PEG R . -7.86 7.45 -1.91
C4 PEG R . -7.22 8.48 -0.97
O4 PEG R . -8.20 9.46 -0.53
C1 PEG S . -3.86 33.15 -18.36
O1 PEG S . -3.69 33.77 -17.07
C2 PEG S . -2.53 32.72 -19.06
O2 PEG S . -2.20 33.49 -20.24
C3 PEG S . -2.72 32.98 -21.45
C4 PEG S . -4.25 32.85 -21.58
O4 PEG S . -5.06 33.98 -21.90
#